data_2X4O
#
_entry.id   2X4O
#
_cell.length_a   61.988
_cell.length_b   81.904
_cell.length_c   79.748
_cell.angle_alpha   90.00
_cell.angle_beta   90.87
_cell.angle_gamma   90.00
#
_symmetry.space_group_name_H-M   'P 1 21 1'
#
loop_
_entity.id
_entity.type
_entity.pdbx_description
1 polymer 'HLA CLASS I HISTOCOMPATIBILITY ANTIGEN, A-2 ALPHA CHAIN'
2 polymer BETA-2-MICROGLOBULIN
3 polymer 'ENVELOPE GLYCOPROTEIN GP160'
4 non-polymer GLYCEROL
5 non-polymer '2-(N-MORPHOLINO)-ETHANESULFONIC ACID'
6 water water
#
loop_
_entity_poly.entity_id
_entity_poly.type
_entity_poly.pdbx_seq_one_letter_code
_entity_poly.pdbx_strand_id
1 'polypeptide(L)'
;GSHSMRYFFTSVSRPGRGEPRFIAVGYVDDTQFVRFDSDAASQRMEPRAPWIEQEGPEYWDGETRKVKAHSQTHRVDLGT
LRGYYNQSEAGSHTVQRMYGCDVGSDWRFLRGYHQYAYDGKDYIALKEDLRSWTAADMAAQTTKHKWEAAHVAEQLRAYL
EGTCVEWLRRYLENGKETLQRTDAPKTHMTHHAVSDHEATLRCWALSFYPAEITLTWQRDGEDQTQDTELVETRPAGDGT
FQKWAAVVVPSGQEQRYTCHVQHEGLPKPLTLRWE
;
A,D
2 'polypeptide(L)'
;MIQRTPKIQVYSRHPAENGKSNFLNCYVSGFHPSDIEVDLLKNGERIEKVEHSDLSFSKDWSFYLLYYTEFTPTEKDEYA
CRVNHVTLSQPKIVKWDRDM
;
B,E
3 'polypeptide(L)' KLTPLCVTL C,F
#
loop_
_chem_comp.id
_chem_comp.type
_chem_comp.name
_chem_comp.formula
GOL non-polymer GLYCEROL 'C3 H8 O3'
MES non-polymer '2-(N-MORPHOLINO)-ETHANESULFONIC ACID' 'C6 H13 N O4 S'
#
# COMPACT_ATOMS: atom_id res chain seq x y z
N GLY A 1 5.30 -0.56 3.87
CA GLY A 1 4.89 -1.95 3.76
C GLY A 1 3.50 -2.07 3.19
N SER A 2 2.90 -3.25 3.32
CA SER A 2 1.57 -3.50 2.80
C SER A 2 0.49 -3.12 3.81
N HIS A 3 -0.76 -3.05 3.36
CA HIS A 3 -1.87 -2.64 4.24
C HIS A 3 -3.14 -3.42 3.96
N SER A 4 -4.08 -3.37 4.89
CA SER A 4 -5.34 -4.09 4.77
C SER A 4 -6.48 -3.27 5.36
N MET A 5 -7.68 -3.44 4.80
CA MET A 5 -8.88 -2.93 5.42
C MET A 5 -9.85 -4.09 5.63
N ARG A 6 -10.35 -4.22 6.84
CA ARG A 6 -11.23 -5.34 7.15
C ARG A 6 -12.43 -4.86 7.95
N TYR A 7 -13.59 -5.43 7.63
CA TYR A 7 -14.80 -5.26 8.41
C TYR A 7 -15.23 -6.59 9.05
N PHE A 8 -15.53 -6.55 10.34
CA PHE A 8 -15.93 -7.75 11.09
C PHE A 8 -17.34 -7.57 11.63
N PHE A 9 -18.17 -8.60 11.46
CA PHE A 9 -19.58 -8.54 11.81
C PHE A 9 -19.96 -9.73 12.66
N THR A 10 -20.66 -9.46 13.75
CA THR A 10 -21.10 -10.53 14.63
C THR A 10 -22.59 -10.37 14.86
N SER A 11 -23.32 -11.46 14.69
CA SER A 11 -24.75 -11.48 14.92
C SER A 11 -25.09 -12.66 15.82
N VAL A 12 -25.75 -12.37 16.94
CA VAL A 12 -26.07 -13.40 17.92
C VAL A 12 -27.57 -13.38 18.25
N SER A 13 -28.27 -14.47 17.94
CA SER A 13 -29.68 -14.56 18.27
C SER A 13 -29.91 -14.70 19.79
N ARG A 14 -30.92 -14.02 20.30
CA ARG A 14 -31.24 -14.04 21.73
C ARG A 14 -32.71 -14.43 21.94
N PRO A 15 -33.02 -15.72 21.80
CA PRO A 15 -34.39 -16.24 21.85
C PRO A 15 -35.17 -15.69 23.04
N GLY A 16 -36.35 -15.11 22.76
CA GLY A 16 -37.21 -14.57 23.79
C GLY A 16 -36.67 -13.36 24.51
N ARG A 17 -35.55 -12.82 24.04
CA ARG A 17 -34.94 -11.65 24.65
C ARG A 17 -34.78 -10.53 23.62
N GLY A 18 -35.78 -10.42 22.74
CA GLY A 18 -35.77 -9.37 21.73
C GLY A 18 -34.98 -9.71 20.48
N GLU A 19 -34.53 -8.67 19.80
CA GLU A 19 -33.77 -8.81 18.56
C GLU A 19 -32.40 -9.41 18.83
N PRO A 20 -31.82 -10.06 17.81
CA PRO A 20 -30.44 -10.56 17.86
C PRO A 20 -29.43 -9.42 17.96
N ARG A 21 -28.37 -9.64 18.74
CA ARG A 21 -27.30 -8.68 18.89
C ARG A 21 -26.51 -8.59 17.59
N PHE A 22 -26.27 -7.37 17.12
CA PHE A 22 -25.45 -7.17 15.93
C PHE A 22 -24.31 -6.17 16.19
N ILE A 23 -23.09 -6.58 15.93
CA ILE A 23 -21.94 -5.73 16.18
C ILE A 23 -21.00 -5.67 14.98
N ALA A 24 -20.68 -4.44 14.56
CA ALA A 24 -19.84 -4.22 13.39
C ALA A 24 -18.62 -3.39 13.79
N VAL A 25 -17.46 -3.80 13.32
CA VAL A 25 -16.22 -3.05 13.57
C VAL A 25 -15.38 -2.98 12.31
N GLY A 26 -14.73 -1.84 12.11
CA GLY A 26 -13.90 -1.64 10.94
C GLY A 26 -12.46 -1.36 11.35
N TYR A 27 -11.51 -1.93 10.62
CA TYR A 27 -10.10 -1.75 10.91
C TYR A 27 -9.34 -1.36 9.66
N VAL A 28 -8.37 -0.46 9.81
CA VAL A 28 -7.31 -0.31 8.81
C VAL A 28 -6.05 -0.84 9.46
N ASP A 29 -5.47 -1.89 8.86
CA ASP A 29 -4.37 -2.62 9.48
C ASP A 29 -4.77 -3.04 10.91
N ASP A 30 -4.02 -2.63 11.93
CA ASP A 30 -4.35 -3.03 13.30
C ASP A 30 -5.05 -1.91 14.10
N THR A 31 -5.55 -0.90 13.40
CA THR A 31 -6.22 0.22 14.04
C THR A 31 -7.72 0.26 13.75
N GLN A 32 -8.54 0.20 14.79
CA GLN A 32 -9.99 0.28 14.61
C GLN A 32 -10.41 1.72 14.29
N PHE A 33 -11.35 1.90 13.36
CA PHE A 33 -11.80 3.25 13.04
C PHE A 33 -13.31 3.48 13.05
N VAL A 34 -14.11 2.43 13.00
CA VAL A 34 -15.55 2.61 13.15
C VAL A 34 -16.16 1.48 13.93
N ARG A 35 -17.36 1.72 14.46
CA ARG A 35 -18.16 0.66 15.04
C ARG A 35 -19.66 0.90 14.86
N PHE A 36 -20.42 -0.17 15.08
CA PHE A 36 -21.87 -0.06 15.22
C PHE A 36 -22.33 -1.12 16.21
N ASP A 37 -23.18 -0.73 17.13
CA ASP A 37 -23.73 -1.68 18.09
C ASP A 37 -25.23 -1.53 18.16
N SER A 38 -25.94 -2.57 17.74
CA SER A 38 -27.40 -2.58 17.75
C SER A 38 -28.00 -2.22 19.11
N ASP A 39 -27.28 -2.53 20.19
CA ASP A 39 -27.79 -2.25 21.54
C ASP A 39 -27.54 -0.83 22.04
N ALA A 40 -26.63 -0.12 21.41
CA ALA A 40 -26.30 1.25 21.84
C ALA A 40 -27.40 2.22 21.41
N ALA A 41 -27.38 3.43 21.96
CA ALA A 41 -28.48 4.37 21.76
C ALA A 41 -28.51 5.07 20.40
N SER A 42 -27.33 5.37 19.85
CA SER A 42 -27.23 6.18 18.64
C SER A 42 -27.87 5.56 17.37
N GLN A 43 -27.69 4.26 17.19
CA GLN A 43 -28.11 3.59 15.96
C GLN A 43 -27.43 4.20 14.73
N ARG A 44 -26.25 4.75 14.94
CA ARG A 44 -25.41 5.24 13.84
C ARG A 44 -24.10 4.46 13.82
N MET A 45 -23.45 4.42 12.66
CA MET A 45 -22.05 4.05 12.61
C MET A 45 -21.26 5.18 13.29
N GLU A 46 -20.36 4.84 14.22
CA GLU A 46 -19.64 5.87 14.96
C GLU A 46 -18.14 5.78 14.71
N PRO A 47 -17.43 6.92 14.81
CA PRO A 47 -15.97 6.96 14.65
C PRO A 47 -15.27 6.36 15.86
N ARG A 48 -14.16 5.68 15.62
CA ARG A 48 -13.35 5.15 16.71
C ARG A 48 -11.88 5.55 16.52
N ALA A 49 -11.66 6.49 15.61
CA ALA A 49 -10.32 7.01 15.36
C ALA A 49 -10.43 8.49 15.05
N PRO A 50 -9.43 9.26 15.48
CA PRO A 50 -9.44 10.71 15.28
C PRO A 50 -9.50 11.11 13.81
N TRP A 51 -8.83 10.34 12.95
CA TRP A 51 -8.66 10.72 11.54
C TRP A 51 -9.87 10.42 10.66
N ILE A 52 -10.95 9.94 11.28
CA ILE A 52 -12.17 9.68 10.55
C ILE A 52 -13.28 10.63 11.06
N GLU A 53 -13.04 11.23 12.22
CA GLU A 53 -14.05 12.05 12.91
C GLU A 53 -14.55 13.23 12.07
N GLN A 54 -13.69 13.76 11.21
CA GLN A 54 -14.04 14.95 10.43
C GLN A 54 -14.53 14.58 9.04
N GLU A 55 -14.92 13.34 8.84
CA GLU A 55 -15.30 12.89 7.51
C GLU A 55 -16.54 13.59 6.94
N GLY A 56 -17.52 13.88 7.78
CA GLY A 56 -18.71 14.59 7.29
C GLY A 56 -19.97 13.75 7.25
N PRO A 57 -21.13 14.42 7.40
CA PRO A 57 -22.44 13.76 7.57
C PRO A 57 -22.81 12.86 6.41
N GLU A 58 -22.46 13.27 5.19
CA GLU A 58 -22.65 12.43 4.03
C GLU A 58 -21.97 11.08 4.25
N TYR A 59 -20.73 11.12 4.73
CA TYR A 59 -19.99 9.89 4.98
C TYR A 59 -20.71 9.05 6.03
N TRP A 60 -21.03 9.67 7.16
CA TRP A 60 -21.63 8.95 8.27
C TRP A 60 -23.06 8.44 8.00
N ASP A 61 -23.88 9.25 7.33
CA ASP A 61 -25.22 8.83 6.92
C ASP A 61 -25.13 7.62 5.98
N GLY A 62 -24.14 7.64 5.09
CA GLY A 62 -23.94 6.55 4.15
C GLY A 62 -23.60 5.27 4.89
N GLU A 63 -22.58 5.32 5.75
CA GLU A 63 -22.16 4.11 6.47
C GLU A 63 -23.27 3.60 7.39
N THR A 64 -24.00 4.53 8.03
CA THR A 64 -25.10 4.16 8.92
C THR A 64 -26.18 3.39 8.17
N ARG A 65 -26.61 3.96 7.05
CA ARG A 65 -27.55 3.32 6.15
C ARG A 65 -27.09 1.91 5.78
N LYS A 66 -25.85 1.81 5.34
CA LYS A 66 -25.30 0.55 4.87
C LYS A 66 -25.22 -0.51 5.98
N VAL A 67 -24.67 -0.14 7.14
CA VAL A 67 -24.52 -1.08 8.24
C VAL A 67 -25.86 -1.57 8.77
N LYS A 68 -26.90 -0.76 8.58
CA LYS A 68 -28.23 -1.20 8.95
C LYS A 68 -28.73 -2.27 7.99
N ALA A 69 -28.41 -2.10 6.71
CA ALA A 69 -28.75 -3.10 5.71
C ALA A 69 -28.06 -4.41 6.07
N HIS A 70 -26.76 -4.33 6.37
CA HIS A 70 -26.00 -5.49 6.86
C HIS A 70 -26.71 -6.14 8.05
N SER A 71 -27.12 -5.32 9.01
CA SER A 71 -27.76 -5.86 10.22
C SER A 71 -29.04 -6.63 9.93
N GLN A 72 -29.89 -6.06 9.07
CA GLN A 72 -31.14 -6.71 8.72
C GLN A 72 -30.89 -7.98 7.90
N THR A 73 -29.86 -7.96 7.06
CA THR A 73 -29.47 -9.15 6.29
C THR A 73 -29.08 -10.28 7.22
N HIS A 74 -28.35 -9.96 8.28
CA HIS A 74 -27.93 -10.95 9.26
C HIS A 74 -29.10 -11.50 10.08
N ARG A 75 -30.12 -10.66 10.27
CA ARG A 75 -31.30 -11.07 11.03
C ARG A 75 -32.01 -12.20 10.27
N VAL A 76 -32.03 -12.07 8.95
CA VAL A 76 -32.61 -13.07 8.09
C VAL A 76 -31.73 -14.31 8.07
N ASP A 77 -30.43 -14.10 7.92
CA ASP A 77 -29.46 -15.19 7.92
C ASP A 77 -29.70 -16.13 9.08
N LEU A 78 -29.94 -15.57 10.26
CA LEU A 78 -30.09 -16.37 11.47
C LEU A 78 -31.26 -17.32 11.32
N GLY A 79 -32.34 -16.81 10.73
CA GLY A 79 -33.49 -17.63 10.43
C GLY A 79 -33.15 -18.72 9.42
N THR A 80 -32.58 -18.32 8.29
CA THR A 80 -32.21 -19.26 7.22
C THR A 80 -31.36 -20.42 7.72
N LEU A 81 -30.29 -20.11 8.45
CA LEU A 81 -29.34 -21.12 8.90
C LEU A 81 -29.96 -22.04 9.95
N ARG A 82 -30.81 -21.48 10.80
CA ARG A 82 -31.53 -22.31 11.76
C ARG A 82 -32.30 -23.35 10.95
N GLY A 83 -32.89 -22.89 9.85
CA GLY A 83 -33.63 -23.76 8.95
C GLY A 83 -32.73 -24.82 8.35
N TYR A 84 -31.63 -24.39 7.74
CA TYR A 84 -30.70 -25.32 7.08
C TYR A 84 -30.25 -26.41 8.04
N TYR A 85 -30.16 -26.09 9.32
CA TYR A 85 -29.64 -27.05 10.30
C TYR A 85 -30.75 -27.67 11.13
N ASN A 86 -31.99 -27.33 10.81
CA ASN A 86 -33.16 -27.86 11.50
C ASN A 86 -33.07 -27.70 13.02
N GLN A 87 -32.75 -26.49 13.47
CA GLN A 87 -32.55 -26.24 14.89
C GLN A 87 -33.77 -25.57 15.49
N SER A 88 -33.92 -25.70 16.80
CA SER A 88 -35.03 -25.06 17.51
C SER A 88 -34.78 -23.55 17.62
N GLU A 89 -35.88 -22.81 17.73
CA GLU A 89 -35.83 -21.36 17.82
C GLU A 89 -35.50 -20.90 19.25
N ALA A 90 -35.17 -21.85 20.11
CA ALA A 90 -34.94 -21.57 21.52
C ALA A 90 -33.46 -21.40 21.87
N GLY A 91 -32.57 -21.90 21.03
CA GLY A 91 -31.15 -21.80 21.30
C GLY A 91 -30.51 -20.58 20.68
N SER A 92 -29.43 -20.10 21.29
CA SER A 92 -28.70 -18.95 20.78
C SER A 92 -27.66 -19.40 19.76
N HIS A 93 -27.61 -18.72 18.61
CA HIS A 93 -26.58 -19.01 17.63
C HIS A 93 -25.85 -17.76 17.16
N THR A 94 -24.72 -17.97 16.51
CA THR A 94 -23.85 -16.89 16.12
C THR A 94 -23.51 -16.94 14.64
N VAL A 95 -23.65 -15.80 13.97
CA VAL A 95 -23.13 -15.64 12.62
C VAL A 95 -22.02 -14.60 12.64
N GLN A 96 -20.88 -14.94 12.07
CA GLN A 96 -19.80 -13.96 11.89
C GLN A 96 -19.48 -13.80 10.42
N ARG A 97 -19.12 -12.58 10.04
CA ARG A 97 -18.79 -12.25 8.66
C ARG A 97 -17.58 -11.33 8.65
N MET A 98 -16.62 -11.61 7.79
CA MET A 98 -15.48 -10.74 7.64
C MET A 98 -15.25 -10.48 6.16
N TYR A 99 -14.99 -9.24 5.79
CA TYR A 99 -14.50 -9.00 4.44
C TYR A 99 -13.51 -7.87 4.44
N GLY A 100 -12.69 -7.80 3.39
CA GLY A 100 -11.70 -6.75 3.28
C GLY A 100 -10.72 -6.98 2.15
N CYS A 101 -9.77 -6.06 2.01
CA CYS A 101 -8.79 -6.11 0.95
C CYS A 101 -7.38 -5.83 1.47
N ASP A 102 -6.40 -6.46 0.83
CA ASP A 102 -5.00 -6.19 1.12
C ASP A 102 -4.36 -5.47 -0.07
N VAL A 103 -3.48 -4.52 0.22
CA VAL A 103 -2.66 -3.91 -0.83
C VAL A 103 -1.19 -4.05 -0.44
N GLY A 104 -0.30 -3.92 -1.43
CA GLY A 104 1.12 -4.03 -1.18
C GLY A 104 1.76 -2.68 -0.89
N SER A 105 3.09 -2.67 -0.84
CA SER A 105 3.84 -1.45 -0.57
C SER A 105 3.51 -0.35 -1.56
N ASP A 106 3.02 -0.74 -2.73
CA ASP A 106 2.69 0.22 -3.77
C ASP A 106 1.23 0.63 -3.70
N TRP A 107 0.55 0.17 -2.65
CA TRP A 107 -0.88 0.47 -2.42
C TRP A 107 -1.79 -0.09 -3.51
N ARG A 108 -1.25 -1.01 -4.31
CA ARG A 108 -2.02 -1.66 -5.37
C ARG A 108 -2.71 -2.91 -4.83
N PHE A 109 -3.89 -3.19 -5.35
CA PHE A 109 -4.65 -4.38 -4.96
C PHE A 109 -3.77 -5.62 -4.94
N LEU A 110 -3.95 -6.43 -3.91
CA LEU A 110 -3.15 -7.63 -3.73
C LEU A 110 -4.07 -8.85 -3.62
N ARG A 111 -5.07 -8.75 -2.75
CA ARG A 111 -6.05 -9.81 -2.58
C ARG A 111 -7.26 -9.37 -1.77
N GLY A 112 -8.36 -10.10 -1.91
CA GLY A 112 -9.60 -9.78 -1.22
C GLY A 112 -10.19 -11.01 -0.55
N TYR A 113 -11.15 -10.79 0.33
N TYR A 113 -11.12 -10.76 0.36
CA TYR A 113 -11.75 -11.90 1.06
CA TYR A 113 -11.77 -11.84 1.12
C TYR A 113 -13.15 -11.53 1.59
C TYR A 113 -13.24 -11.52 1.32
N HIS A 114 -13.99 -12.54 1.68
CA HIS A 114 -15.38 -12.39 2.08
C HIS A 114 -15.85 -13.75 2.55
N GLN A 115 -15.88 -13.95 3.87
CA GLN A 115 -16.18 -15.25 4.45
C GLN A 115 -17.11 -15.19 5.68
N TYR A 116 -17.79 -16.32 5.94
CA TYR A 116 -18.78 -16.43 7.01
C TYR A 116 -18.44 -17.61 7.88
N ALA A 117 -18.82 -17.51 9.15
CA ALA A 117 -18.76 -18.63 10.07
C ALA A 117 -20.13 -18.77 10.73
N TYR A 118 -20.50 -20.01 11.05
CA TYR A 118 -21.72 -20.23 11.79
C TYR A 118 -21.35 -21.03 13.02
N ASP A 119 -21.71 -20.50 14.19
CA ASP A 119 -21.40 -21.11 15.46
C ASP A 119 -19.92 -21.48 15.58
N GLY A 120 -19.04 -20.58 15.17
CA GLY A 120 -17.61 -20.76 15.36
C GLY A 120 -16.91 -21.66 14.36
N LYS A 121 -17.64 -22.12 13.35
CA LYS A 121 -17.07 -22.96 12.29
C LYS A 121 -17.18 -22.26 10.94
N ASP A 122 -16.16 -22.44 10.09
CA ASP A 122 -16.23 -21.96 8.72
C ASP A 122 -17.55 -22.38 8.09
N TYR A 123 -18.27 -21.42 7.50
CA TYR A 123 -19.47 -21.75 6.75
C TYR A 123 -19.22 -21.68 5.24
N ILE A 124 -18.98 -20.48 4.72
CA ILE A 124 -18.63 -20.29 3.33
C ILE A 124 -17.55 -19.21 3.18
N ALA A 125 -16.78 -19.28 2.10
CA ALA A 125 -15.70 -18.32 1.87
C ALA A 125 -15.38 -18.12 0.39
N LEU A 126 -15.27 -16.85 -0.01
CA LEU A 126 -14.81 -16.49 -1.34
C LEU A 126 -13.36 -16.92 -1.50
N LYS A 127 -13.03 -17.59 -2.60
CA LYS A 127 -11.67 -18.07 -2.82
C LYS A 127 -10.75 -16.97 -3.35
N GLU A 128 -9.44 -17.21 -3.30
CA GLU A 128 -8.45 -16.23 -3.74
C GLU A 128 -8.76 -15.65 -5.13
N ASP A 129 -9.31 -16.49 -6.02
CA ASP A 129 -9.59 -16.08 -7.39
C ASP A 129 -10.73 -15.05 -7.46
N LEU A 130 -11.43 -14.87 -6.35
CA LEU A 130 -12.53 -13.91 -6.27
C LEU A 130 -13.68 -14.23 -7.22
N ARG A 131 -13.82 -15.51 -7.58
CA ARG A 131 -14.95 -15.96 -8.40
C ARG A 131 -15.54 -17.25 -7.84
N SER A 132 -14.78 -17.96 -7.03
CA SER A 132 -15.22 -19.26 -6.53
C SER A 132 -15.50 -19.26 -5.05
N TRP A 133 -16.37 -20.16 -4.62
CA TRP A 133 -16.76 -20.27 -3.22
C TRP A 133 -16.29 -21.58 -2.61
N THR A 134 -15.99 -21.54 -1.32
CA THR A 134 -15.70 -22.76 -0.56
C THR A 134 -16.81 -23.03 0.44
N ALA A 135 -17.51 -24.14 0.25
CA ALA A 135 -18.59 -24.56 1.12
C ALA A 135 -18.10 -25.62 2.10
N ALA A 136 -18.33 -25.36 3.39
CA ALA A 136 -17.84 -26.24 4.45
C ALA A 136 -18.64 -27.54 4.57
N ASP A 137 -19.90 -27.51 4.14
CA ASP A 137 -20.79 -28.66 4.30
C ASP A 137 -22.01 -28.52 3.41
N MET A 138 -22.97 -29.42 3.60
CA MET A 138 -24.12 -29.51 2.73
C MET A 138 -24.94 -28.22 2.72
N ALA A 139 -25.20 -27.69 3.91
CA ALA A 139 -25.96 -26.45 4.04
C ALA A 139 -25.31 -25.32 3.24
N ALA A 140 -24.02 -25.09 3.47
CA ALA A 140 -23.33 -24.00 2.79
C ALA A 140 -23.25 -24.23 1.28
N GLN A 141 -23.39 -25.49 0.86
CA GLN A 141 -23.49 -25.82 -0.56
C GLN A 141 -24.67 -25.12 -1.21
N THR A 142 -25.79 -25.10 -0.48
CA THR A 142 -27.01 -24.45 -0.93
C THR A 142 -26.80 -22.94 -1.12
N THR A 143 -26.16 -22.31 -0.15
CA THR A 143 -25.79 -20.90 -0.26
C THR A 143 -24.87 -20.69 -1.46
N LYS A 144 -23.89 -21.58 -1.60
CA LYS A 144 -22.95 -21.52 -2.70
C LYS A 144 -23.69 -21.45 -4.04
N HIS A 145 -24.65 -22.35 -4.25
CA HIS A 145 -25.41 -22.38 -5.49
C HIS A 145 -26.21 -21.10 -5.64
N LYS A 146 -26.85 -20.71 -4.54
CA LYS A 146 -27.61 -19.48 -4.49
CA LYS A 146 -27.61 -19.47 -4.49
C LYS A 146 -26.77 -18.30 -5.00
N TRP A 147 -25.60 -18.10 -4.40
CA TRP A 147 -24.75 -16.97 -4.78
C TRP A 147 -24.18 -17.07 -6.19
N GLU A 148 -24.03 -18.29 -6.69
CA GLU A 148 -23.50 -18.50 -8.04
C GLU A 148 -24.49 -18.08 -9.10
N ALA A 149 -25.78 -18.26 -8.81
CA ALA A 149 -26.85 -17.89 -9.74
C ALA A 149 -27.01 -16.38 -9.80
N ALA A 150 -26.72 -15.72 -8.68
CA ALA A 150 -26.94 -14.28 -8.55
C ALA A 150 -25.67 -13.49 -8.85
N HIS A 151 -24.64 -14.17 -9.33
CA HIS A 151 -23.36 -13.53 -9.63
C HIS A 151 -22.92 -12.60 -8.49
N VAL A 152 -22.94 -13.13 -7.28
CA VAL A 152 -22.58 -12.37 -6.08
C VAL A 152 -21.08 -12.13 -6.03
N ALA A 153 -20.31 -13.10 -6.49
CA ALA A 153 -18.85 -12.95 -6.48
C ALA A 153 -18.43 -11.77 -7.34
N GLU A 154 -19.08 -11.61 -8.49
CA GLU A 154 -18.76 -10.56 -9.45
C GLU A 154 -18.96 -9.16 -8.86
N GLN A 155 -20.04 -9.01 -8.09
CA GLN A 155 -20.31 -7.73 -7.44
C GLN A 155 -19.34 -7.46 -6.29
N LEU A 156 -18.99 -8.51 -5.54
CA LEU A 156 -18.07 -8.37 -4.43
C LEU A 156 -16.66 -8.09 -4.93
N ARG A 157 -16.31 -8.72 -6.05
N ARG A 157 -16.30 -8.72 -6.05
CA ARG A 157 -15.00 -8.52 -6.68
CA ARG A 157 -14.98 -8.50 -6.63
C ARG A 157 -14.80 -7.06 -7.02
C ARG A 157 -14.79 -7.04 -7.01
N ALA A 158 -15.85 -6.42 -7.53
CA ALA A 158 -15.81 -5.00 -7.89
C ALA A 158 -15.65 -4.11 -6.65
N TYR A 159 -16.31 -4.49 -5.57
CA TYR A 159 -16.16 -3.75 -4.30
C TYR A 159 -14.73 -3.90 -3.73
N LEU A 160 -14.26 -5.14 -3.69
CA LEU A 160 -12.98 -5.47 -3.08
C LEU A 160 -11.78 -4.89 -3.84
N GLU A 161 -11.87 -4.85 -5.17
CA GLU A 161 -10.81 -4.28 -5.99
C GLU A 161 -10.96 -2.77 -6.18
N GLY A 162 -12.19 -2.29 -6.12
CA GLY A 162 -12.47 -0.88 -6.36
C GLY A 162 -12.65 -0.08 -5.08
N THR A 163 -13.89 -0.04 -4.59
CA THR A 163 -14.23 0.73 -3.40
C THR A 163 -13.32 0.44 -2.19
N CYS A 164 -13.00 -0.84 -1.96
CA CYS A 164 -12.21 -1.22 -0.80
C CYS A 164 -10.81 -0.61 -0.82
N VAL A 165 -10.07 -0.85 -1.90
CA VAL A 165 -8.72 -0.31 -2.02
C VAL A 165 -8.72 1.22 -2.09
N GLU A 166 -9.68 1.79 -2.81
CA GLU A 166 -9.74 3.25 -2.95
C GLU A 166 -9.89 3.90 -1.60
N TRP A 167 -10.84 3.40 -0.81
CA TRP A 167 -11.08 3.98 0.49
C TRP A 167 -9.99 3.61 1.52
N LEU A 168 -9.36 2.44 1.36
CA LEU A 168 -8.19 2.12 2.18
C LEU A 168 -7.13 3.19 1.95
N ARG A 169 -6.90 3.52 0.69
CA ARG A 169 -5.96 4.57 0.32
C ARG A 169 -6.30 5.92 0.96
N ARG A 170 -7.58 6.33 0.86
CA ARG A 170 -8.01 7.59 1.46
C ARG A 170 -7.73 7.62 2.96
N TYR A 171 -8.08 6.54 3.66
CA TYR A 171 -7.84 6.44 5.11
C TYR A 171 -6.35 6.52 5.45
N LEU A 172 -5.53 5.81 4.68
CA LEU A 172 -4.08 5.84 4.86
C LEU A 172 -3.56 7.27 4.78
N GLU A 173 -4.02 8.02 3.79
CA GLU A 173 -3.60 9.41 3.64
C GLU A 173 -4.15 10.29 4.76
N ASN A 174 -5.47 10.25 4.97
CA ASN A 174 -6.13 11.07 6.00
C ASN A 174 -5.60 10.82 7.42
N GLY A 175 -5.27 9.57 7.72
CA GLY A 175 -4.75 9.22 9.03
C GLY A 175 -3.28 8.89 8.98
N LYS A 176 -2.57 9.46 8.02
CA LYS A 176 -1.15 9.17 7.79
C LYS A 176 -0.32 9.12 9.08
N GLU A 177 -0.55 10.07 9.98
CA GLU A 177 0.15 10.10 11.27
C GLU A 177 0.03 8.77 12.00
N THR A 178 -1.20 8.27 12.09
CA THR A 178 -1.48 7.04 12.82
C THR A 178 -1.15 5.78 12.01
N LEU A 179 -1.67 5.73 10.79
CA LEU A 179 -1.64 4.48 10.02
C LEU A 179 -0.30 4.20 9.37
N GLN A 180 0.38 5.24 8.90
CA GLN A 180 1.62 5.03 8.17
C GLN A 180 2.84 5.13 9.08
N ARG A 181 2.66 4.66 10.31
CA ARG A 181 3.74 4.63 11.28
C ARG A 181 4.15 3.19 11.54
N THR A 182 5.41 3.01 11.92
CA THR A 182 5.85 1.76 12.49
C THR A 182 6.49 2.13 13.81
N ASP A 183 6.02 1.52 14.89
CA ASP A 183 6.59 1.77 16.19
C ASP A 183 7.39 0.54 16.56
N ALA A 184 8.71 0.67 16.51
CA ALA A 184 9.61 -0.39 16.94
C ALA A 184 9.28 -0.72 18.38
N PRO A 185 9.30 -2.01 18.73
CA PRO A 185 9.07 -2.42 20.11
C PRO A 185 10.12 -1.84 21.05
N LYS A 186 9.71 -1.49 22.25
CA LYS A 186 10.66 -1.21 23.31
C LYS A 186 10.81 -2.50 24.10
N THR A 187 12.04 -3.01 24.19
CA THR A 187 12.31 -4.30 24.78
C THR A 187 13.12 -4.22 26.08
N HIS A 188 12.76 -5.06 27.05
CA HIS A 188 13.59 -5.27 28.22
C HIS A 188 13.41 -6.69 28.74
N MET A 189 14.30 -7.12 29.62
CA MET A 189 14.19 -8.43 30.21
C MET A 189 13.96 -8.25 31.70
N THR A 190 13.23 -9.17 32.31
CA THR A 190 13.14 -9.19 33.77
C THR A 190 13.60 -10.54 34.32
N HIS A 191 14.01 -10.54 35.58
CA HIS A 191 14.55 -11.73 36.21
C HIS A 191 13.90 -11.89 37.59
N HIS A 192 13.28 -13.04 37.83
CA HIS A 192 12.66 -13.29 39.13
C HIS A 192 12.97 -14.72 39.59
N ALA A 193 13.45 -14.83 40.83
CA ALA A 193 13.83 -16.12 41.40
C ALA A 193 12.62 -16.97 41.77
N VAL A 194 12.58 -18.20 41.26
CA VAL A 194 11.47 -19.11 41.50
C VAL A 194 11.84 -20.06 42.64
N SER A 195 13.14 -20.23 42.83
CA SER A 195 13.68 -21.00 43.93
C SER A 195 15.14 -20.63 44.09
N ASP A 196 15.85 -21.34 44.97
CA ASP A 196 17.25 -21.07 45.21
C ASP A 196 18.11 -21.54 44.04
N HIS A 197 17.52 -22.34 43.16
CA HIS A 197 18.26 -22.83 41.99
C HIS A 197 17.64 -22.50 40.63
N GLU A 198 16.48 -21.86 40.62
CA GLU A 198 15.87 -21.47 39.34
C GLU A 198 15.34 -20.04 39.26
N ALA A 199 15.39 -19.48 38.06
CA ALA A 199 14.93 -18.12 37.79
C ALA A 199 14.14 -18.02 36.48
N THR A 200 13.07 -17.25 36.52
CA THR A 200 12.30 -16.95 35.34
C THR A 200 12.92 -15.74 34.66
N LEU A 201 13.29 -15.90 33.39
CA LEU A 201 13.70 -14.79 32.56
C LEU A 201 12.52 -14.44 31.68
N ARG A 202 12.12 -13.17 31.67
CA ARG A 202 11.01 -12.76 30.82
C ARG A 202 11.45 -11.67 29.85
N CYS A 203 11.26 -11.92 28.55
CA CYS A 203 11.59 -10.97 27.50
C CYS A 203 10.36 -10.19 27.08
N TRP A 204 10.44 -8.87 27.19
CA TRP A 204 9.31 -7.97 26.96
C TRP A 204 9.42 -7.17 25.67
N ALA A 205 8.35 -7.15 24.88
CA ALA A 205 8.25 -6.21 23.77
C ALA A 205 7.05 -5.31 24.04
N LEU A 206 7.31 -4.02 24.20
CA LEU A 206 6.22 -3.09 24.50
C LEU A 206 6.03 -1.99 23.45
N SER A 207 4.79 -1.50 23.36
CA SER A 207 4.49 -0.27 22.66
C SER A 207 4.84 -0.31 21.18
N PHE A 208 4.60 -1.45 20.54
CA PHE A 208 4.91 -1.58 19.13
C PHE A 208 3.65 -1.51 18.26
N TYR A 209 3.86 -1.25 16.98
CA TYR A 209 2.78 -1.21 16.00
C TYR A 209 3.44 -1.40 14.64
N PRO A 210 2.88 -2.27 13.78
CA PRO A 210 1.66 -3.06 14.00
C PRO A 210 1.87 -4.26 14.92
N ALA A 211 0.86 -5.10 15.03
CA ALA A 211 0.83 -6.18 16.02
C ALA A 211 1.78 -7.33 15.71
N GLU A 212 1.95 -7.64 14.43
CA GLU A 212 2.81 -8.73 14.01
C GLU A 212 4.21 -8.60 14.60
N ILE A 213 4.63 -9.66 15.27
CA ILE A 213 5.93 -9.68 15.93
C ILE A 213 6.35 -11.12 16.24
N THR A 214 7.67 -11.36 16.27
CA THR A 214 8.17 -12.66 16.70
C THR A 214 9.17 -12.47 17.84
N LEU A 215 8.90 -13.14 18.95
CA LEU A 215 9.77 -13.20 20.10
C LEU A 215 10.12 -14.67 20.32
N THR A 216 11.42 -14.98 20.43
CA THR A 216 11.85 -16.33 20.70
C THR A 216 13.05 -16.34 21.64
N TRP A 217 13.21 -17.46 22.34
CA TRP A 217 14.32 -17.68 23.24
C TRP A 217 15.22 -18.78 22.71
N GLN A 218 16.52 -18.57 22.83
N GLN A 218 16.53 -18.57 22.82
CA GLN A 218 17.50 -19.61 22.51
CA GLN A 218 17.50 -19.60 22.52
C GLN A 218 18.46 -19.80 23.67
C GLN A 218 18.43 -19.81 23.71
N ARG A 219 19.00 -21.01 23.81
CA ARG A 219 20.05 -21.28 24.77
C ARG A 219 21.25 -21.75 23.95
N ASP A 220 22.27 -20.92 23.87
CA ASP A 220 23.42 -21.19 22.99
C ASP A 220 22.97 -21.56 21.58
N GLY A 221 22.02 -20.79 21.05
CA GLY A 221 21.55 -20.99 19.69
C GLY A 221 20.42 -22.00 19.55
N GLU A 222 20.28 -22.89 20.52
CA GLU A 222 19.23 -23.90 20.44
C GLU A 222 17.87 -23.28 20.68
N ASP A 223 16.89 -23.69 19.88
CA ASP A 223 15.51 -23.28 20.05
C ASP A 223 14.91 -23.76 21.38
N GLN A 224 14.05 -22.94 21.97
CA GLN A 224 13.51 -23.23 23.28
C GLN A 224 11.99 -23.15 23.28
N THR A 225 11.40 -23.35 22.11
CA THR A 225 9.96 -23.14 21.94
C THR A 225 9.12 -23.96 22.92
N GLN A 226 9.49 -25.21 23.13
CA GLN A 226 8.73 -26.07 24.02
C GLN A 226 8.91 -25.71 25.49
N ASP A 227 9.99 -24.99 25.80
CA ASP A 227 10.21 -24.55 27.17
C ASP A 227 9.81 -23.08 27.38
N THR A 228 9.28 -22.45 26.33
CA THR A 228 8.93 -21.03 26.41
C THR A 228 7.46 -20.81 26.74
N GLU A 229 7.16 -19.98 27.72
CA GLU A 229 5.80 -19.51 27.85
C GLU A 229 5.67 -18.25 27.02
N LEU A 230 4.72 -18.25 26.10
CA LEU A 230 4.52 -17.15 25.17
C LEU A 230 3.07 -16.71 25.20
N VAL A 231 2.80 -15.49 25.63
CA VAL A 231 1.43 -14.99 25.67
C VAL A 231 0.97 -14.47 24.30
N GLU A 232 -0.33 -14.46 24.07
CA GLU A 232 -0.87 -13.82 22.88
C GLU A 232 -0.51 -12.35 22.88
N THR A 233 -0.11 -11.84 21.72
CA THR A 233 0.08 -10.41 21.51
C THR A 233 -1.19 -9.69 21.97
N ARG A 234 -1.04 -8.67 22.80
CA ARG A 234 -2.21 -8.04 23.41
C ARG A 234 -2.23 -6.53 23.19
N PRO A 235 -3.43 -5.94 23.15
CA PRO A 235 -3.46 -4.46 23.03
C PRO A 235 -3.14 -3.73 24.33
N ALA A 236 -2.32 -2.69 24.22
CA ALA A 236 -2.02 -1.88 25.38
C ALA A 236 -3.21 -0.99 25.69
N GLY A 237 -4.07 -0.78 24.69
CA GLY A 237 -5.21 0.11 24.85
C GLY A 237 -5.03 1.48 24.21
N ASP A 238 -3.79 1.82 23.84
CA ASP A 238 -3.47 3.14 23.31
C ASP A 238 -3.16 3.08 21.82
N GLY A 239 -3.46 1.96 21.19
CA GLY A 239 -3.17 1.80 19.78
C GLY A 239 -1.92 0.98 19.52
N THR A 240 -1.09 0.74 20.55
CA THR A 240 0.08 -0.11 20.41
C THR A 240 -0.15 -1.49 21.04
N PHE A 241 0.82 -2.39 20.87
CA PHE A 241 0.66 -3.77 21.30
C PHE A 241 1.79 -4.25 22.21
N GLN A 242 1.55 -5.37 22.89
CA GLN A 242 2.52 -5.91 23.84
C GLN A 242 2.62 -7.40 23.67
N LYS A 243 3.78 -7.94 24.04
CA LYS A 243 3.99 -9.37 24.09
C LYS A 243 5.16 -9.69 25.01
N TRP A 244 5.12 -10.87 25.63
CA TRP A 244 6.30 -11.36 26.36
C TRP A 244 6.50 -12.86 26.21
N ALA A 245 7.73 -13.29 26.45
CA ALA A 245 8.10 -14.69 26.37
C ALA A 245 8.98 -14.99 27.57
N ALA A 246 8.64 -16.02 28.32
CA ALA A 246 9.42 -16.35 29.52
C ALA A 246 9.95 -17.78 29.52
N VAL A 247 11.14 -17.96 30.11
CA VAL A 247 11.71 -19.28 30.30
C VAL A 247 12.24 -19.43 31.71
N VAL A 248 12.03 -20.62 32.27
CA VAL A 248 12.58 -20.96 33.56
C VAL A 248 13.98 -21.51 33.33
N VAL A 249 14.93 -20.94 34.07
CA VAL A 249 16.34 -21.09 33.78
C VAL A 249 17.11 -21.40 35.06
N PRO A 250 18.04 -22.38 35.02
CA PRO A 250 18.78 -22.69 36.24
C PRO A 250 19.72 -21.54 36.55
N SER A 251 19.84 -21.19 37.83
CA SER A 251 20.65 -20.05 38.24
C SER A 251 22.12 -20.28 37.85
N GLY A 252 22.75 -19.27 37.26
CA GLY A 252 24.12 -19.42 36.79
C GLY A 252 24.18 -19.62 35.29
N GLN A 253 23.05 -19.90 34.67
CA GLN A 253 23.04 -20.12 33.23
C GLN A 253 22.39 -18.96 32.48
N GLU A 254 22.04 -17.89 33.20
CA GLU A 254 21.36 -16.74 32.59
C GLU A 254 22.07 -16.34 31.30
N GLN A 255 23.40 -16.24 31.36
CA GLN A 255 24.21 -15.78 30.23
C GLN A 255 24.07 -16.60 28.95
N ARG A 256 23.60 -17.85 29.06
CA ARG A 256 23.46 -18.74 27.90
C ARG A 256 22.21 -18.44 27.07
N TYR A 257 21.30 -17.67 27.63
CA TYR A 257 20.02 -17.43 26.96
C TYR A 257 20.00 -16.10 26.20
N THR A 258 19.37 -16.13 25.04
CA THR A 258 19.19 -14.92 24.25
C THR A 258 17.75 -14.84 23.80
N CYS A 259 17.20 -13.63 23.84
CA CYS A 259 15.88 -13.37 23.33
C CYS A 259 16.02 -12.71 21.96
N HIS A 260 15.24 -13.19 21.00
N HIS A 260 15.25 -13.19 21.00
CA HIS A 260 15.30 -12.65 19.65
CA HIS A 260 15.30 -12.70 19.62
C HIS A 260 13.98 -12.01 19.28
C HIS A 260 13.98 -12.01 19.27
N VAL A 261 14.07 -10.77 18.79
CA VAL A 261 12.89 -9.97 18.50
C VAL A 261 12.87 -9.52 17.04
N GLN A 262 11.84 -9.95 16.31
CA GLN A 262 11.66 -9.54 14.92
C GLN A 262 10.41 -8.67 14.78
N HIS A 263 10.57 -7.51 14.15
CA HIS A 263 9.48 -6.58 13.94
C HIS A 263 9.75 -5.63 12.76
N GLU A 264 8.67 -5.21 12.11
CA GLU A 264 8.75 -4.41 10.90
C GLU A 264 9.45 -3.06 11.16
N GLY A 265 9.33 -2.57 12.38
CA GLY A 265 9.94 -1.30 12.77
C GLY A 265 11.41 -1.40 13.11
N LEU A 266 11.92 -2.61 13.22
CA LEU A 266 13.33 -2.80 13.53
C LEU A 266 14.15 -2.93 12.25
N PRO A 267 15.19 -2.08 12.12
CA PRO A 267 16.15 -2.12 11.02
C PRO A 267 16.74 -3.50 10.91
N LYS A 268 17.17 -4.03 12.06
CA LYS A 268 17.71 -5.37 12.16
C LYS A 268 17.06 -6.05 13.35
N PRO A 269 16.88 -7.37 13.27
CA PRO A 269 16.32 -8.09 14.42
C PRO A 269 17.21 -7.87 15.64
N LEU A 270 16.63 -7.79 16.82
CA LEU A 270 17.38 -7.63 18.05
C LEU A 270 17.72 -8.98 18.68
N THR A 271 18.86 -9.04 19.38
CA THR A 271 19.20 -10.17 20.22
C THR A 271 19.50 -9.62 21.61
N LEU A 272 18.82 -10.12 22.64
CA LEU A 272 19.00 -9.61 23.99
C LEU A 272 19.52 -10.70 24.89
N ARG A 273 20.36 -10.32 25.86
CA ARG A 273 20.88 -11.23 26.89
C ARG A 273 20.68 -10.62 28.26
N TRP A 274 20.46 -11.46 29.26
CA TRP A 274 20.53 -10.98 30.64
C TRP A 274 22.00 -10.86 30.99
N GLU A 275 22.48 -9.63 31.13
CA GLU A 275 23.91 -9.41 31.34
C GLU A 275 24.27 -7.92 31.24
N MET B 1 -21.76 -28.30 19.90
CA MET B 1 -21.41 -27.00 19.34
C MET B 1 -20.05 -26.54 19.85
N ILE B 2 -19.34 -25.78 19.01
CA ILE B 2 -18.02 -25.25 19.35
C ILE B 2 -18.01 -24.34 20.57
N GLN B 3 -17.03 -24.57 21.44
CA GLN B 3 -16.82 -23.77 22.62
C GLN B 3 -15.33 -23.61 22.86
N ARG B 4 -14.87 -22.37 22.98
CA ARG B 4 -13.47 -22.13 23.22
C ARG B 4 -13.25 -21.31 24.51
N THR B 5 -12.24 -21.70 25.26
CA THR B 5 -11.96 -21.14 26.57
C THR B 5 -11.19 -19.84 26.43
N PRO B 6 -11.66 -18.80 27.11
CA PRO B 6 -10.97 -17.50 27.13
C PRO B 6 -9.55 -17.66 27.65
N LYS B 7 -8.59 -17.05 26.96
CA LYS B 7 -7.28 -16.83 27.55
C LYS B 7 -7.36 -15.47 28.20
N ILE B 8 -6.97 -15.40 29.48
CA ILE B 8 -7.08 -14.19 30.27
C ILE B 8 -5.71 -13.63 30.62
N GLN B 9 -5.48 -12.36 30.31
CA GLN B 9 -4.28 -11.64 30.74
C GLN B 9 -4.65 -10.38 31.51
N VAL B 10 -3.95 -10.13 32.61
CA VAL B 10 -4.17 -8.95 33.43
C VAL B 10 -2.85 -8.20 33.52
N TYR B 11 -2.89 -6.89 33.27
CA TYR B 11 -1.65 -6.13 33.13
C TYR B 11 -1.95 -4.65 33.01
N SER B 12 -0.95 -3.84 33.32
CA SER B 12 -1.08 -2.40 33.19
C SER B 12 -0.62 -1.99 31.80
N ARG B 13 -1.18 -0.91 31.27
CA ARG B 13 -0.77 -0.39 29.97
C ARG B 13 0.71 -0.02 29.95
N HIS B 14 1.15 0.71 30.97
CA HIS B 14 2.57 1.04 31.13
C HIS B 14 3.10 0.34 32.36
N PRO B 15 4.42 0.14 32.44
CA PRO B 15 5.01 -0.47 33.63
C PRO B 15 4.52 0.23 34.90
N ALA B 16 4.15 -0.56 35.90
CA ALA B 16 3.55 -0.01 37.10
C ALA B 16 4.55 0.73 37.99
N GLU B 17 4.15 1.91 38.44
CA GLU B 17 4.96 2.72 39.33
C GLU B 17 4.02 3.35 40.32
N ASN B 18 4.35 3.22 41.60
CA ASN B 18 3.44 3.65 42.64
C ASN B 18 3.21 5.16 42.62
N GLY B 19 1.93 5.54 42.61
CA GLY B 19 1.56 6.94 42.62
C GLY B 19 1.42 7.57 41.25
N LYS B 20 1.64 6.78 40.20
CA LYS B 20 1.51 7.27 38.82
C LYS B 20 0.33 6.67 38.09
N SER B 21 -0.52 7.53 37.54
CA SER B 21 -1.70 7.11 36.81
C SER B 21 -1.34 6.21 35.64
N ASN B 22 -2.24 5.29 35.32
CA ASN B 22 -1.96 4.23 34.36
C ASN B 22 -3.31 3.67 33.90
N PHE B 23 -3.29 2.58 33.15
CA PHE B 23 -4.52 1.84 32.86
C PHE B 23 -4.37 0.37 33.28
N LEU B 24 -5.37 -0.13 34.01
CA LEU B 24 -5.42 -1.53 34.32
C LEU B 24 -6.23 -2.25 33.24
N ASN B 25 -5.63 -3.26 32.63
CA ASN B 25 -6.25 -4.01 31.54
C ASN B 25 -6.57 -5.46 31.92
N CYS B 26 -7.65 -5.98 31.35
CA CYS B 26 -7.96 -7.41 31.40
C CYS B 26 -8.32 -7.84 29.99
N TYR B 27 -7.41 -8.55 29.35
CA TYR B 27 -7.60 -8.94 27.97
C TYR B 27 -8.12 -10.36 27.91
N VAL B 28 -9.27 -10.54 27.28
CA VAL B 28 -9.84 -11.87 27.08
C VAL B 28 -9.95 -12.17 25.59
N SER B 29 -9.32 -13.25 25.17
CA SER B 29 -9.28 -13.60 23.76
C SER B 29 -9.44 -15.10 23.56
N GLY B 30 -9.76 -15.48 22.32
CA GLY B 30 -9.87 -16.87 21.97
C GLY B 30 -11.10 -17.58 22.50
N PHE B 31 -12.17 -16.85 22.82
CA PHE B 31 -13.38 -17.51 23.35
C PHE B 31 -14.52 -17.63 22.34
N HIS B 32 -15.45 -18.55 22.65
CA HIS B 32 -16.62 -18.79 21.82
C HIS B 32 -17.56 -19.67 22.64
N PRO B 33 -18.86 -19.30 22.68
CA PRO B 33 -19.48 -18.15 22.04
C PRO B 33 -19.14 -16.80 22.69
N SER B 34 -19.84 -15.75 22.29
CA SER B 34 -19.43 -14.38 22.62
C SER B 34 -19.87 -13.90 23.99
N ASP B 35 -20.93 -14.50 24.55
CA ASP B 35 -21.39 -14.11 25.88
C ASP B 35 -20.29 -14.34 26.92
N ILE B 36 -19.90 -13.27 27.60
CA ILE B 36 -18.85 -13.37 28.61
C ILE B 36 -19.05 -12.29 29.67
N GLU B 37 -18.64 -12.58 30.90
CA GLU B 37 -18.73 -11.62 32.01
C GLU B 37 -17.31 -11.30 32.46
N VAL B 38 -16.98 -10.02 32.51
CA VAL B 38 -15.65 -9.60 32.94
C VAL B 38 -15.78 -8.46 33.92
N ASP B 39 -15.11 -8.57 35.06
CA ASP B 39 -15.15 -7.53 36.08
C ASP B 39 -13.74 -7.32 36.62
N LEU B 40 -13.38 -6.07 36.88
CA LEU B 40 -12.10 -5.76 37.51
C LEU B 40 -12.30 -5.48 38.99
N LEU B 41 -11.36 -5.94 39.81
CA LEU B 41 -11.49 -5.82 41.25
C LEU B 41 -10.30 -5.10 41.85
N LYS B 42 -10.57 -4.27 42.85
CA LYS B 42 -9.53 -3.60 43.61
C LYS B 42 -9.74 -3.96 45.07
N ASN B 43 -8.81 -4.69 45.66
CA ASN B 43 -8.90 -5.12 47.05
C ASN B 43 -10.24 -5.80 47.37
N GLY B 44 -10.59 -6.77 46.53
CA GLY B 44 -11.80 -7.56 46.73
C GLY B 44 -13.09 -6.84 46.41
N GLU B 45 -12.98 -5.66 45.79
CA GLU B 45 -14.13 -4.81 45.51
C GLU B 45 -14.21 -4.47 44.04
N ARG B 46 -15.40 -4.59 43.48
CA ARG B 46 -15.61 -4.31 42.07
C ARG B 46 -15.31 -2.85 41.70
N ILE B 47 -14.54 -2.64 40.64
CA ILE B 47 -14.27 -1.30 40.14
C ILE B 47 -15.42 -0.86 39.22
N GLU B 48 -15.94 0.34 39.47
CA GLU B 48 -17.20 0.76 38.86
C GLU B 48 -17.10 1.33 37.45
N LYS B 49 -16.07 2.13 37.19
CA LYS B 49 -15.99 2.80 35.91
C LYS B 49 -15.09 2.01 34.93
N VAL B 50 -15.58 0.83 34.54
CA VAL B 50 -14.80 -0.02 33.65
C VAL B 50 -15.39 0.01 32.25
N GLU B 51 -14.53 0.19 31.25
CA GLU B 51 -14.97 0.22 29.88
C GLU B 51 -14.44 -0.97 29.13
N HIS B 52 -14.92 -1.17 27.92
CA HIS B 52 -14.39 -2.26 27.12
C HIS B 52 -14.45 -1.97 25.64
N SER B 53 -13.59 -2.64 24.88
CA SER B 53 -13.56 -2.48 23.44
C SER B 53 -14.78 -3.09 22.78
N ASP B 54 -14.91 -2.84 21.48
CA ASP B 54 -16.00 -3.38 20.71
C ASP B 54 -15.65 -4.82 20.39
N LEU B 55 -16.64 -5.71 20.51
CA LEU B 55 -16.44 -7.12 20.19
C LEU B 55 -15.84 -7.32 18.81
N SER B 56 -14.70 -8.00 18.76
CA SER B 56 -14.05 -8.33 17.50
C SER B 56 -13.60 -9.78 17.56
N PHE B 57 -12.93 -10.26 16.52
CA PHE B 57 -12.51 -11.66 16.47
C PHE B 57 -11.28 -11.92 15.59
N SER B 58 -10.65 -13.07 15.81
CA SER B 58 -9.38 -13.44 15.17
C SER B 58 -9.61 -14.33 13.96
N LYS B 59 -8.53 -14.67 13.27
CA LYS B 59 -8.62 -15.42 12.01
C LYS B 59 -9.26 -16.80 12.17
N ASP B 60 -9.26 -17.31 13.40
CA ASP B 60 -9.89 -18.59 13.73
C ASP B 60 -11.31 -18.37 14.27
N TRP B 61 -11.85 -17.16 14.06
CA TRP B 61 -13.21 -16.79 14.45
C TRP B 61 -13.41 -16.55 15.96
N SER B 62 -12.40 -16.89 16.76
CA SER B 62 -12.54 -16.72 18.20
C SER B 62 -12.57 -15.24 18.56
N PHE B 63 -13.35 -14.90 19.57
CA PHE B 63 -13.56 -13.51 19.96
C PHE B 63 -12.47 -12.99 20.87
N TYR B 64 -12.34 -11.66 20.91
CA TYR B 64 -11.49 -11.01 21.90
C TYR B 64 -12.10 -9.67 22.34
N LEU B 65 -11.85 -9.31 23.60
CA LEU B 65 -12.33 -8.10 24.21
C LEU B 65 -11.28 -7.57 25.17
N LEU B 66 -11.18 -6.26 25.28
CA LEU B 66 -10.30 -5.62 26.25
C LEU B 66 -11.14 -4.85 27.25
N TYR B 67 -11.07 -5.23 28.52
CA TYR B 67 -11.65 -4.44 29.60
C TYR B 67 -10.56 -3.63 30.28
N TYR B 68 -10.88 -2.37 30.58
CA TYR B 68 -9.86 -1.44 31.08
C TYR B 68 -10.43 -0.35 31.95
N THR B 69 -9.60 0.15 32.84
CA THR B 69 -9.95 1.31 33.64
C THR B 69 -8.69 2.09 34.00
N GLU B 70 -8.86 3.40 34.11
CA GLU B 70 -7.80 4.28 34.55
C GLU B 70 -7.54 3.96 36.00
N PHE B 71 -6.29 3.92 36.42
CA PHE B 71 -6.00 3.69 37.83
C PHE B 71 -4.63 4.20 38.21
N THR B 72 -4.44 4.40 39.51
CA THR B 72 -3.14 4.75 40.07
C THR B 72 -2.76 3.72 41.13
N PRO B 73 -1.84 2.82 40.79
CA PRO B 73 -1.42 1.76 41.72
C PRO B 73 -0.65 2.30 42.92
N THR B 74 -0.83 1.66 44.07
CA THR B 74 -0.03 1.98 45.26
C THR B 74 0.51 0.67 45.81
N GLU B 75 1.50 0.75 46.70
CA GLU B 75 2.23 -0.45 47.09
C GLU B 75 1.36 -1.57 47.64
N LYS B 76 0.32 -1.21 48.39
CA LYS B 76 -0.47 -2.22 49.08
C LYS B 76 -1.76 -2.64 48.36
N ASP B 77 -2.10 -1.98 47.26
CA ASP B 77 -3.33 -2.30 46.53
C ASP B 77 -3.22 -3.57 45.70
N GLU B 78 -4.22 -4.43 45.83
CA GLU B 78 -4.29 -5.67 45.07
C GLU B 78 -5.40 -5.60 44.03
N TYR B 79 -5.08 -5.96 42.80
CA TYR B 79 -6.09 -5.97 41.76
C TYR B 79 -6.24 -7.36 41.13
N ALA B 80 -7.41 -7.60 40.57
CA ALA B 80 -7.72 -8.89 39.97
C ALA B 80 -8.74 -8.71 38.87
N CYS B 81 -8.86 -9.72 38.02
CA CYS B 81 -9.88 -9.71 37.00
C CYS B 81 -10.70 -10.98 37.14
N ARG B 82 -12.01 -10.84 37.11
CA ARG B 82 -12.88 -12.00 37.19
C ARG B 82 -13.62 -12.27 35.87
N VAL B 83 -13.58 -13.52 35.45
CA VAL B 83 -14.16 -13.91 34.17
C VAL B 83 -15.12 -15.08 34.33
N ASN B 84 -16.28 -14.95 33.73
CA ASN B 84 -17.20 -16.07 33.62
C ASN B 84 -17.57 -16.33 32.16
N HIS B 85 -17.54 -17.60 31.78
CA HIS B 85 -17.84 -18.02 30.43
C HIS B 85 -18.34 -19.47 30.52
N VAL B 86 -19.13 -19.91 29.55
CA VAL B 86 -19.71 -21.24 29.56
C VAL B 86 -18.67 -22.38 29.67
N THR B 87 -17.47 -22.16 29.14
CA THR B 87 -16.43 -23.18 29.18
C THR B 87 -15.74 -23.29 30.55
N LEU B 88 -16.10 -22.41 31.47
CA LEU B 88 -15.52 -22.43 32.81
C LEU B 88 -16.52 -22.99 33.81
N SER B 89 -16.18 -24.13 34.42
CA SER B 89 -17.07 -24.76 35.40
C SER B 89 -17.35 -23.85 36.58
N GLN B 90 -16.45 -22.91 36.83
CA GLN B 90 -16.60 -21.91 37.88
C GLN B 90 -16.03 -20.60 37.38
N PRO B 91 -16.55 -19.47 37.88
CA PRO B 91 -15.95 -18.19 37.51
C PRO B 91 -14.48 -18.18 37.89
N LYS B 92 -13.65 -17.59 37.03
CA LYS B 92 -12.22 -17.61 37.24
C LYS B 92 -11.72 -16.24 37.66
N ILE B 93 -11.02 -16.17 38.80
CA ILE B 93 -10.41 -14.92 39.24
C ILE B 93 -8.88 -14.95 39.05
N VAL B 94 -8.38 -14.02 38.23
CA VAL B 94 -6.96 -13.93 37.91
C VAL B 94 -6.36 -12.65 38.49
N LYS B 95 -5.44 -12.81 39.44
CA LYS B 95 -4.80 -11.69 40.13
C LYS B 95 -3.81 -10.99 39.21
N TRP B 96 -3.73 -9.67 39.37
CA TRP B 96 -2.74 -8.90 38.64
C TRP B 96 -1.38 -9.07 39.29
N ASP B 97 -0.41 -9.52 38.49
CA ASP B 97 0.97 -9.64 38.95
C ASP B 97 1.72 -8.42 38.44
N ARG B 98 1.97 -7.46 39.34
CA ARG B 98 2.43 -6.14 38.92
C ARG B 98 3.89 -6.13 38.51
N ASP B 99 4.51 -7.29 38.54
CA ASP B 99 5.72 -7.49 37.75
C ASP B 99 5.25 -7.39 36.28
N MET B 100 5.65 -8.29 35.38
CA MET B 100 6.46 -9.44 35.66
C MET B 100 7.82 -9.32 34.98
N LYS C 1 -15.08 2.25 3.70
CA LYS C 1 -16.51 2.19 3.44
C LYS C 1 -16.99 0.76 3.27
N LEU C 2 -18.14 0.44 3.88
CA LEU C 2 -18.78 -0.86 3.69
C LEU C 2 -19.25 -1.04 2.26
N THR C 3 -19.51 -2.28 1.88
CA THR C 3 -20.14 -2.56 0.59
C THR C 3 -21.62 -2.12 0.63
N PRO C 4 -22.12 -1.58 -0.49
CA PRO C 4 -23.46 -0.99 -0.62
C PRO C 4 -24.57 -1.91 -1.16
N LEU C 5 -24.30 -3.20 -1.38
CA LEU C 5 -25.37 -4.13 -1.73
C LEU C 5 -25.56 -5.12 -0.58
N CYS C 6 -26.54 -6.01 -0.70
CA CYS C 6 -26.84 -6.93 0.40
C CYS C 6 -26.93 -8.38 -0.05
N VAL C 7 -25.90 -9.17 0.29
CA VAL C 7 -25.93 -10.59 0.02
C VAL C 7 -26.64 -11.28 1.19
N THR C 8 -27.13 -12.49 0.95
CA THR C 8 -27.88 -13.21 1.97
C THR C 8 -27.69 -14.73 1.83
N LEU C 9 -27.58 -15.41 2.96
CA LEU C 9 -27.30 -16.85 3.01
C LEU C 9 -28.42 -17.69 2.43
N GLY D 1 -8.92 13.40 -5.84
CA GLY D 1 -8.07 12.50 -5.10
C GLY D 1 -6.81 13.21 -4.68
N SER D 2 -5.74 12.45 -4.44
CA SER D 2 -4.44 13.04 -4.12
C SER D 2 -3.71 13.45 -5.41
N HIS D 3 -2.69 14.29 -5.27
CA HIS D 3 -1.94 14.77 -6.43
C HIS D 3 -0.49 14.96 -6.03
N SER D 4 0.37 15.09 -7.04
CA SER D 4 1.79 15.20 -6.80
C SER D 4 2.44 16.16 -7.78
N MET D 5 3.51 16.80 -7.33
CA MET D 5 4.37 17.56 -8.23
C MET D 5 5.76 16.95 -8.13
N ARG D 6 6.38 16.71 -9.27
CA ARG D 6 7.73 16.18 -9.27
C ARG D 6 8.63 16.86 -10.28
N TYR D 7 9.87 17.10 -9.85
CA TYR D 7 10.90 17.61 -10.73
C TYR D 7 12.02 16.59 -10.89
N PHE D 8 12.45 16.40 -12.14
CA PHE D 8 13.48 15.43 -12.46
C PHE D 8 14.66 16.15 -13.10
N PHE D 9 15.86 15.94 -12.56
CA PHE D 9 17.04 16.62 -13.06
C PHE D 9 18.08 15.57 -13.42
N THR D 10 18.60 15.65 -14.63
CA THR D 10 19.66 14.75 -15.08
C THR D 10 20.84 15.53 -15.61
N SER D 11 22.03 15.18 -15.12
CA SER D 11 23.25 15.84 -15.52
C SER D 11 24.33 14.83 -15.93
N VAL D 12 24.87 14.98 -17.13
CA VAL D 12 25.81 14.00 -17.70
C VAL D 12 27.09 14.64 -18.21
N SER D 13 28.23 14.28 -17.59
CA SER D 13 29.51 14.87 -17.97
C SER D 13 30.01 14.38 -19.34
N ARG D 14 30.65 15.28 -20.07
CA ARG D 14 31.12 14.99 -21.42
C ARG D 14 32.56 15.44 -21.54
N PRO D 15 33.48 14.65 -20.94
CA PRO D 15 34.89 14.98 -20.78
C PRO D 15 35.55 15.43 -22.08
N GLY D 16 36.27 16.55 -22.02
CA GLY D 16 36.97 17.10 -23.17
C GLY D 16 36.06 17.66 -24.24
N ARG D 17 34.77 17.72 -23.95
CA ARG D 17 33.79 18.18 -24.92
C ARG D 17 32.82 19.17 -24.29
N GLY D 18 33.36 20.10 -23.52
CA GLY D 18 32.57 21.14 -22.90
C GLY D 18 31.93 20.71 -21.59
N GLU D 19 31.08 21.58 -21.04
CA GLU D 19 30.39 21.32 -19.78
C GLU D 19 29.34 20.20 -19.95
N PRO D 20 28.88 19.64 -18.82
CA PRO D 20 27.92 18.52 -18.82
C PRO D 20 26.55 18.91 -19.35
N ARG D 21 25.83 17.92 -19.90
CA ARG D 21 24.47 18.14 -20.37
C ARG D 21 23.50 18.11 -19.17
N PHE D 22 22.66 19.14 -19.09
CA PHE D 22 21.70 19.25 -18.00
C PHE D 22 20.29 19.28 -18.59
N ILE D 23 19.43 18.42 -18.09
CA ILE D 23 18.04 18.37 -18.52
C ILE D 23 17.12 18.35 -17.31
N ALA D 24 16.14 19.25 -17.30
CA ALA D 24 15.16 19.32 -16.21
C ALA D 24 13.75 19.19 -16.76
N VAL D 25 12.90 18.44 -16.04
CA VAL D 25 11.49 18.35 -16.39
C VAL D 25 10.65 18.43 -15.12
N GLY D 26 9.46 19.01 -15.23
CA GLY D 26 8.50 19.07 -14.15
C GLY D 26 7.22 18.35 -14.51
N TYR D 27 6.63 17.66 -13.54
CA TYR D 27 5.38 16.95 -13.76
C TYR D 27 4.39 17.31 -12.66
N VAL D 28 3.13 17.46 -13.04
CA VAL D 28 2.05 17.39 -12.08
C VAL D 28 1.31 16.08 -12.36
N ASP D 29 1.27 15.19 -11.37
CA ASP D 29 0.73 13.85 -11.56
C ASP D 29 1.45 13.23 -12.75
N ASP D 30 0.71 12.78 -13.74
CA ASP D 30 1.33 12.21 -14.94
C ASP D 30 1.43 13.19 -16.12
N THR D 31 1.30 14.49 -15.85
CA THR D 31 1.37 15.49 -16.91
C THR D 31 2.62 16.36 -16.83
N GLN D 32 3.44 16.34 -17.88
CA GLN D 32 4.61 17.19 -17.91
C GLN D 32 4.18 18.62 -18.18
N PHE D 33 4.87 19.58 -17.57
CA PHE D 33 4.48 20.97 -17.78
C PHE D 33 5.64 21.93 -18.08
N VAL D 34 6.86 21.53 -17.73
CA VAL D 34 8.04 22.36 -18.03
C VAL D 34 9.25 21.53 -18.39
N ARG D 35 10.19 22.16 -19.09
CA ARG D 35 11.47 21.54 -19.36
C ARG D 35 12.57 22.57 -19.56
N PHE D 36 13.80 22.16 -19.25
CA PHE D 36 14.99 22.94 -19.57
C PHE D 36 16.02 21.96 -20.15
N ASP D 37 16.63 22.35 -21.26
CA ASP D 37 17.66 21.53 -21.89
C ASP D 37 18.82 22.44 -22.21
N SER D 38 19.96 22.20 -21.56
CA SER D 38 21.12 23.07 -21.68
C SER D 38 21.71 23.14 -23.10
N ASP D 39 21.31 22.22 -23.97
CA ASP D 39 21.82 22.24 -25.35
C ASP D 39 20.85 22.92 -26.31
N ALA D 40 19.70 23.37 -25.80
CA ALA D 40 18.74 24.11 -26.61
C ALA D 40 19.18 25.56 -26.75
N ALA D 41 18.67 26.24 -27.78
CA ALA D 41 19.12 27.58 -28.08
C ALA D 41 18.54 28.64 -27.15
N SER D 42 17.35 28.39 -26.62
CA SER D 42 16.64 29.39 -25.83
C SER D 42 17.33 29.75 -24.51
N GLN D 43 17.77 28.71 -23.80
CA GLN D 43 18.35 28.88 -22.47
C GLN D 43 17.34 29.37 -21.44
N ARG D 44 16.07 29.06 -21.69
CA ARG D 44 15.00 29.38 -20.75
C ARG D 44 14.25 28.11 -20.34
N MET D 45 13.70 28.10 -19.14
CA MET D 45 12.70 27.10 -18.81
C MET D 45 11.54 27.29 -19.79
N GLU D 46 10.95 26.20 -20.26
CA GLU D 46 9.94 26.26 -21.30
C GLU D 46 8.70 25.46 -20.95
N PRO D 47 7.53 25.90 -21.44
CA PRO D 47 6.25 25.24 -21.17
C PRO D 47 6.08 23.98 -22.01
N ARG D 48 5.36 23.00 -21.45
CA ARG D 48 5.10 21.74 -22.13
C ARG D 48 3.68 21.32 -21.85
N ALA D 49 2.90 22.26 -21.33
CA ALA D 49 1.46 22.04 -21.14
C ALA D 49 0.73 23.33 -21.50
N PRO D 50 -0.41 23.21 -22.18
CA PRO D 50 -1.14 24.42 -22.58
C PRO D 50 -1.55 25.30 -21.39
N TRP D 51 -1.85 24.67 -20.27
CA TRP D 51 -2.34 25.41 -19.11
C TRP D 51 -1.25 26.17 -18.34
N ILE D 52 0.00 26.02 -18.75
CA ILE D 52 1.10 26.71 -18.09
C ILE D 52 1.65 27.83 -18.97
N GLU D 53 1.31 27.80 -20.25
CA GLU D 53 1.86 28.77 -21.22
C GLU D 53 1.59 30.24 -20.87
N GLN D 54 0.48 30.53 -20.22
CA GLN D 54 0.13 31.92 -19.95
C GLN D 54 0.47 32.36 -18.53
N GLU D 55 1.40 31.65 -17.91
CA GLU D 55 1.75 31.90 -16.52
C GLU D 55 2.30 33.32 -16.29
N GLY D 56 2.96 33.88 -17.30
CA GLY D 56 3.45 35.25 -17.23
C GLY D 56 4.97 35.37 -17.24
N PRO D 57 5.48 36.56 -17.55
CA PRO D 57 6.93 36.80 -17.66
C PRO D 57 7.69 36.57 -16.35
N GLU D 58 7.16 37.04 -15.23
CA GLU D 58 7.79 36.82 -13.93
CA GLU D 58 7.84 36.81 -13.95
C GLU D 58 8.04 35.32 -13.67
N TYR D 59 7.00 34.52 -13.89
CA TYR D 59 7.12 33.07 -13.68
C TYR D 59 8.24 32.49 -14.53
N TRP D 60 8.29 32.85 -15.80
CA TRP D 60 9.27 32.27 -16.71
C TRP D 60 10.71 32.73 -16.46
N ASP D 61 10.89 34.02 -16.16
CA ASP D 61 12.20 34.55 -15.78
C ASP D 61 12.71 33.88 -14.50
N GLY D 62 11.81 33.66 -13.55
CA GLY D 62 12.18 33.10 -12.26
C GLY D 62 12.61 31.64 -12.30
N GLU D 63 11.84 30.80 -12.98
CA GLU D 63 12.19 29.38 -13.14
C GLU D 63 13.48 29.22 -13.95
N THR D 64 13.65 30.06 -14.97
CA THR D 64 14.88 30.08 -15.75
C THR D 64 16.09 30.39 -14.87
N ARG D 65 15.98 31.44 -14.06
CA ARG D 65 17.03 31.82 -13.13
CA ARG D 65 17.04 31.81 -13.12
C ARG D 65 17.38 30.67 -12.19
N LYS D 66 16.37 30.05 -11.59
CA LYS D 66 16.58 28.96 -10.64
C LYS D 66 17.11 27.68 -11.28
N VAL D 67 16.63 27.36 -12.48
CA VAL D 67 17.03 26.13 -13.15
C VAL D 67 18.49 26.19 -13.65
N LYS D 68 18.94 27.39 -14.05
CA LYS D 68 20.35 27.56 -14.39
C LYS D 68 21.22 27.30 -13.16
N ALA D 69 20.77 27.82 -12.01
CA ALA D 69 21.45 27.58 -10.74
C ALA D 69 21.52 26.08 -10.37
N HIS D 70 20.45 25.34 -10.64
CA HIS D 70 20.43 23.88 -10.49
C HIS D 70 21.49 23.25 -11.39
N SER D 71 21.56 23.74 -12.62
CA SER D 71 22.53 23.26 -13.60
C SER D 71 23.96 23.44 -13.13
N GLN D 72 24.23 24.58 -12.49
N GLN D 72 24.24 24.57 -12.48
CA GLN D 72 25.58 24.87 -11.98
CA GLN D 72 25.59 24.85 -12.00
C GLN D 72 25.90 23.97 -10.79
C GLN D 72 25.92 24.04 -10.75
N THR D 73 24.90 23.74 -9.95
CA THR D 73 25.09 22.88 -8.78
C THR D 73 25.47 21.47 -9.19
N HIS D 74 24.79 20.93 -10.21
CA HIS D 74 25.07 19.59 -10.70
C HIS D 74 26.44 19.51 -11.34
N ARG D 75 26.89 20.62 -11.91
CA ARG D 75 28.20 20.68 -12.53
C ARG D 75 29.31 20.58 -11.49
N VAL D 76 29.09 21.20 -10.34
CA VAL D 76 30.03 21.10 -9.24
C VAL D 76 29.91 19.71 -8.60
N ASP D 77 28.70 19.18 -8.57
CA ASP D 77 28.47 17.86 -7.99
C ASP D 77 29.24 16.79 -8.74
N LEU D 78 29.23 16.87 -10.07
CA LEU D 78 29.94 15.88 -10.88
C LEU D 78 31.44 15.90 -10.58
N GLY D 79 32.00 17.09 -10.41
CA GLY D 79 33.38 17.24 -10.02
C GLY D 79 33.66 16.69 -8.63
N THR D 80 32.73 16.95 -7.71
CA THR D 80 32.88 16.49 -6.33
C THR D 80 32.81 14.99 -6.24
N LEU D 81 31.80 14.42 -6.86
CA LEU D 81 31.55 12.99 -6.81
C LEU D 81 32.70 12.18 -7.41
N ARG D 82 33.24 12.66 -8.52
CA ARG D 82 34.38 11.99 -9.14
C ARG D 82 35.53 11.89 -8.14
N GLY D 83 35.69 12.94 -7.34
CA GLY D 83 36.71 12.99 -6.31
C GLY D 83 36.44 12.00 -5.19
N TYR D 84 35.19 11.92 -4.74
CA TYR D 84 34.80 10.97 -3.70
C TYR D 84 35.10 9.55 -4.12
N TYR D 85 34.92 9.26 -5.41
CA TYR D 85 35.10 7.90 -5.89
C TYR D 85 36.45 7.67 -6.57
N ASN D 86 37.28 8.70 -6.58
CA ASN D 86 38.63 8.60 -7.14
C ASN D 86 38.55 8.03 -8.55
N GLN D 87 37.84 8.73 -9.43
CA GLN D 87 37.52 8.19 -10.75
C GLN D 87 38.23 8.91 -11.88
N SER D 88 38.36 8.23 -13.01
CA SER D 88 39.06 8.78 -14.17
C SER D 88 38.35 10.00 -14.75
N GLU D 89 39.15 10.96 -15.22
CA GLU D 89 38.63 12.21 -15.74
C GLU D 89 38.06 12.07 -17.15
N ALA D 90 38.23 10.90 -17.75
CA ALA D 90 37.87 10.69 -19.15
C ALA D 90 36.45 10.12 -19.36
N GLY D 91 35.95 9.38 -18.36
CA GLY D 91 34.64 8.78 -18.47
C GLY D 91 33.48 9.72 -18.22
N SER D 92 32.37 9.46 -18.89
CA SER D 92 31.14 10.21 -18.67
C SER D 92 30.39 9.67 -17.46
N HIS D 93 29.92 10.56 -16.59
CA HIS D 93 29.14 10.14 -15.43
C HIS D 93 27.80 10.86 -15.35
N THR D 94 26.91 10.37 -14.48
CA THR D 94 25.53 10.83 -14.43
C THR D 94 25.09 11.13 -12.99
N VAL D 95 24.58 12.33 -12.77
CA VAL D 95 23.87 12.63 -11.53
C VAL D 95 22.38 12.82 -11.77
N GLN D 96 21.55 12.22 -10.91
CA GLN D 96 20.11 12.39 -10.99
C GLN D 96 19.53 12.85 -9.67
N ARG D 97 18.57 13.76 -9.76
CA ARG D 97 17.96 14.37 -8.60
C ARG D 97 16.45 14.41 -8.83
N MET D 98 15.68 14.09 -7.80
CA MET D 98 14.24 14.19 -7.87
C MET D 98 13.74 14.81 -6.58
N TYR D 99 12.83 15.75 -6.69
CA TYR D 99 12.10 16.23 -5.52
C TYR D 99 10.72 16.70 -5.92
N GLY D 100 9.84 16.83 -4.93
CA GLY D 100 8.46 17.20 -5.18
C GLY D 100 7.63 16.93 -3.94
N CYS D 101 6.31 17.09 -4.06
CA CYS D 101 5.44 16.94 -2.91
C CYS D 101 4.09 16.38 -3.28
N ASP D 102 3.41 15.80 -2.30
CA ASP D 102 2.06 15.30 -2.50
C ASP D 102 1.10 16.06 -1.59
N VAL D 103 -0.12 16.23 -2.07
CA VAL D 103 -1.20 16.74 -1.24
C VAL D 103 -2.28 15.67 -1.22
N GLY D 104 -3.12 15.68 -0.20
CA GLY D 104 -4.23 14.77 -0.12
C GLY D 104 -5.41 15.21 -0.97
N SER D 105 -6.55 14.54 -0.79
CA SER D 105 -7.78 14.91 -1.47
C SER D 105 -8.19 16.33 -1.11
N ASP D 106 -7.91 16.71 0.13
CA ASP D 106 -8.21 18.05 0.62
C ASP D 106 -7.15 19.05 0.18
N TRP D 107 -6.19 18.57 -0.60
CA TRP D 107 -5.10 19.41 -1.08
C TRP D 107 -4.22 19.92 0.04
N ARG D 108 -4.15 19.16 1.14
CA ARG D 108 -3.24 19.47 2.24
C ARG D 108 -1.94 18.66 2.13
N PHE D 109 -0.85 19.23 2.62
CA PHE D 109 0.44 18.57 2.58
C PHE D 109 0.33 17.12 3.01
N LEU D 110 0.87 16.21 2.19
CA LEU D 110 0.85 14.79 2.52
C LEU D 110 2.26 14.29 2.77
N ARG D 111 3.16 14.53 1.82
N ARG D 111 3.14 14.54 1.81
CA ARG D 111 4.55 14.17 2.01
CA ARG D 111 4.52 14.08 1.85
C ARG D 111 5.44 14.92 1.04
C ARG D 111 5.44 15.04 1.12
N GLY D 112 6.75 14.84 1.28
CA GLY D 112 7.73 15.54 0.49
C GLY D 112 8.90 14.60 0.31
N TYR D 113 9.74 14.87 -0.68
CA TYR D 113 10.86 13.98 -0.94
C TYR D 113 11.97 14.69 -1.73
N HIS D 114 13.19 14.21 -1.56
CA HIS D 114 14.37 14.83 -2.16
C HIS D 114 15.52 13.84 -2.22
N GLN D 115 15.80 13.33 -3.43
CA GLN D 115 16.71 12.20 -3.59
C GLN D 115 17.70 12.41 -4.73
N TYR D 116 18.93 11.93 -4.51
CA TYR D 116 19.96 11.93 -5.53
C TYR D 116 20.35 10.50 -5.87
N ALA D 117 20.90 10.33 -7.07
CA ALA D 117 21.52 9.07 -7.44
C ALA D 117 22.77 9.36 -8.26
N TYR D 118 23.80 8.53 -8.10
CA TYR D 118 25.01 8.70 -8.88
C TYR D 118 25.20 7.46 -9.75
N ASP D 119 25.45 7.68 -11.04
CA ASP D 119 25.56 6.58 -11.99
C ASP D 119 24.51 5.51 -11.75
N GLY D 120 23.24 5.94 -11.69
CA GLY D 120 22.10 5.04 -11.68
C GLY D 120 21.82 4.33 -10.37
N LYS D 121 22.44 4.75 -9.29
CA LYS D 121 22.18 4.12 -8.00
C LYS D 121 22.00 5.14 -6.87
N ASP D 122 21.18 4.77 -5.90
CA ASP D 122 20.91 5.62 -4.75
C ASP D 122 22.20 6.21 -4.21
N TYR D 123 22.16 7.49 -3.86
CA TYR D 123 23.31 8.13 -3.25
C TYR D 123 22.93 8.64 -1.87
N ILE D 124 22.04 9.63 -1.83
CA ILE D 124 21.52 10.15 -0.58
C ILE D 124 20.07 10.57 -0.77
N ALA D 125 19.26 10.39 0.27
CA ALA D 125 17.85 10.74 0.18
C ALA D 125 17.33 11.33 1.47
N LEU D 126 16.37 12.24 1.35
CA LEU D 126 15.70 12.83 2.50
C LEU D 126 14.73 11.81 3.08
N LYS D 127 14.70 11.67 4.40
CA LYS D 127 13.75 10.75 5.02
C LYS D 127 12.36 11.38 5.10
N GLU D 128 11.36 10.54 5.30
CA GLU D 128 9.98 10.99 5.30
C GLU D 128 9.73 12.06 6.35
N ASP D 129 10.53 12.07 7.41
CA ASP D 129 10.37 13.05 8.49
C ASP D 129 10.86 14.43 8.06
N LEU D 130 11.63 14.48 6.97
CA LEU D 130 12.14 15.72 6.41
C LEU D 130 13.18 16.41 7.29
N ARG D 131 13.82 15.62 8.16
CA ARG D 131 14.79 16.18 9.10
C ARG D 131 16.09 15.40 9.10
N SER D 132 16.06 14.19 8.55
CA SER D 132 17.25 13.34 8.51
C SER D 132 17.50 12.73 7.12
N TRP D 133 18.64 12.06 6.98
CA TRP D 133 19.11 11.59 5.68
C TRP D 133 19.48 10.11 5.68
N THR D 134 19.31 9.48 4.53
CA THR D 134 19.83 8.13 4.34
C THR D 134 20.97 8.16 3.33
N ALA D 135 22.13 7.66 3.72
CA ALA D 135 23.31 7.66 2.87
C ALA D 135 23.59 6.25 2.36
N ALA D 136 23.59 6.10 1.04
CA ALA D 136 23.79 4.79 0.44
C ALA D 136 25.16 4.17 0.78
N ASP D 137 26.20 4.99 0.86
CA ASP D 137 27.55 4.48 1.09
C ASP D 137 28.46 5.42 1.86
N MET D 138 29.75 5.17 1.74
CA MET D 138 30.76 5.92 2.47
C MET D 138 30.90 7.33 1.91
N ALA D 139 30.86 7.43 0.59
CA ALA D 139 30.93 8.74 -0.07
C ALA D 139 29.78 9.65 0.39
N ALA D 140 28.58 9.09 0.41
CA ALA D 140 27.39 9.87 0.76
C ALA D 140 27.42 10.37 2.19
N GLN D 141 28.05 9.60 3.08
CA GLN D 141 28.19 9.96 4.48
C GLN D 141 28.75 11.36 4.62
N THR D 142 29.74 11.65 3.80
CA THR D 142 30.36 12.96 3.77
C THR D 142 29.32 14.02 3.42
N THR D 143 28.49 13.73 2.42
CA THR D 143 27.39 14.63 2.09
C THR D 143 26.41 14.70 3.26
N LYS D 144 26.02 13.53 3.78
CA LYS D 144 25.12 13.42 4.92
C LYS D 144 25.50 14.42 6.02
N HIS D 145 26.71 14.28 6.56
CA HIS D 145 27.13 15.11 7.68
C HIS D 145 27.28 16.59 7.32
N LYS D 146 27.72 16.86 6.10
CA LYS D 146 27.84 18.22 5.62
C LYS D 146 26.48 18.93 5.58
N TRP D 147 25.45 18.20 5.15
CA TRP D 147 24.11 18.75 5.08
C TRP D 147 23.47 18.86 6.48
N GLU D 148 23.81 17.91 7.35
CA GLU D 148 23.33 17.94 8.72
C GLU D 148 23.79 19.22 9.40
N ALA D 149 25.06 19.56 9.19
CA ALA D 149 25.66 20.73 9.82
C ALA D 149 25.20 22.04 9.18
N ALA D 150 24.85 21.98 7.89
CA ALA D 150 24.39 23.17 7.20
C ALA D 150 22.90 23.42 7.37
N HIS D 151 22.24 22.56 8.13
CA HIS D 151 20.79 22.60 8.29
C HIS D 151 20.10 22.62 6.93
N VAL D 152 20.57 21.78 6.02
CA VAL D 152 20.03 21.71 4.67
C VAL D 152 18.60 21.19 4.67
N ALA D 153 18.35 20.21 5.55
CA ALA D 153 17.04 19.58 5.64
C ALA D 153 15.95 20.59 5.95
N GLU D 154 16.18 21.43 6.95
CA GLU D 154 15.19 22.40 7.39
C GLU D 154 14.73 23.30 6.27
N GLN D 155 15.66 23.67 5.40
CA GLN D 155 15.34 24.58 4.31
C GLN D 155 14.60 23.83 3.20
N LEU D 156 14.93 22.56 3.00
CA LEU D 156 14.16 21.71 2.09
C LEU D 156 12.74 21.54 2.62
N ARG D 157 12.60 21.31 3.92
CA ARG D 157 11.29 21.15 4.53
C ARG D 157 10.44 22.40 4.38
N ALA D 158 11.07 23.57 4.46
CA ALA D 158 10.37 24.83 4.28
C ALA D 158 9.81 24.96 2.87
N TYR D 159 10.61 24.57 1.88
CA TYR D 159 10.17 24.56 0.49
C TYR D 159 9.07 23.54 0.22
N LEU D 160 9.26 22.31 0.70
CA LEU D 160 8.35 21.22 0.42
C LEU D 160 6.96 21.45 0.99
N GLU D 161 6.90 21.98 2.21
CA GLU D 161 5.63 22.20 2.89
C GLU D 161 5.01 23.56 2.54
N GLY D 162 5.78 24.41 1.86
CA GLY D 162 5.32 25.73 1.49
C GLY D 162 5.20 25.92 0.00
N THR D 163 6.24 26.51 -0.59
CA THR D 163 6.28 26.78 -2.02
C THR D 163 5.83 25.61 -2.87
N CYS D 164 6.35 24.42 -2.57
CA CYS D 164 6.03 23.22 -3.35
C CYS D 164 4.53 22.95 -3.39
N VAL D 165 3.89 22.86 -2.22
CA VAL D 165 2.45 22.59 -2.22
C VAL D 165 1.64 23.81 -2.60
N GLU D 166 2.14 25.00 -2.27
CA GLU D 166 1.47 26.23 -2.68
C GLU D 166 1.27 26.22 -4.20
N TRP D 167 2.35 25.96 -4.95
CA TRP D 167 2.25 26.01 -6.40
C TRP D 167 1.57 24.81 -7.03
N LEU D 168 1.74 23.62 -6.43
CA LEU D 168 0.98 22.46 -6.87
C LEU D 168 -0.50 22.81 -6.92
N ARG D 169 -1.01 23.42 -5.86
CA ARG D 169 -2.43 23.79 -5.80
C ARG D 169 -2.80 24.83 -6.87
N ARG D 170 -1.91 25.78 -7.10
CA ARG D 170 -2.10 26.78 -8.14
C ARG D 170 -2.13 26.16 -9.55
N TYR D 171 -1.31 25.14 -9.79
CA TYR D 171 -1.28 24.48 -11.10
C TYR D 171 -2.54 23.67 -11.32
N LEU D 172 -2.98 22.98 -10.25
CA LEU D 172 -4.18 22.18 -10.32
C LEU D 172 -5.37 23.05 -10.67
N GLU D 173 -5.37 24.29 -10.19
CA GLU D 173 -6.41 25.27 -10.51
C GLU D 173 -6.31 25.79 -11.95
N ASN D 174 -5.10 26.12 -12.38
CA ASN D 174 -4.86 26.62 -13.73
C ASN D 174 -5.20 25.59 -14.79
N GLY D 175 -4.73 24.36 -14.58
CA GLY D 175 -4.94 23.30 -15.55
C GLY D 175 -5.99 22.30 -15.14
N LYS D 176 -6.97 22.74 -14.34
CA LYS D 176 -7.98 21.84 -13.80
C LYS D 176 -8.75 21.08 -14.87
N GLU D 177 -8.76 21.59 -16.09
CA GLU D 177 -9.40 20.88 -17.20
C GLU D 177 -8.60 19.64 -17.56
N THR D 178 -7.28 19.79 -17.57
CA THR D 178 -6.37 18.71 -17.89
C THR D 178 -6.11 17.84 -16.67
N LEU D 179 -5.72 18.49 -15.57
CA LEU D 179 -5.20 17.78 -14.41
C LEU D 179 -6.25 17.16 -13.50
N GLN D 180 -7.46 17.70 -13.50
CA GLN D 180 -8.47 17.15 -12.62
C GLN D 180 -9.50 16.29 -13.34
N ARG D 181 -9.11 15.81 -14.52
CA ARG D 181 -9.93 14.87 -15.28
C ARG D 181 -9.42 13.46 -15.01
N THR D 182 -10.30 12.48 -15.21
CA THR D 182 -9.87 11.11 -15.44
C THR D 182 -10.52 10.68 -16.74
N ASP D 183 -9.71 10.16 -17.66
CA ASP D 183 -10.23 9.55 -18.87
C ASP D 183 -10.23 8.03 -18.67
N ALA D 184 -11.42 7.45 -18.73
CA ALA D 184 -11.56 6.00 -18.61
C ALA D 184 -10.98 5.37 -19.86
N PRO D 185 -10.31 4.21 -19.71
CA PRO D 185 -9.72 3.54 -20.86
C PRO D 185 -10.77 3.00 -21.83
N LYS D 186 -10.52 3.14 -23.12
CA LYS D 186 -11.32 2.47 -24.12
CA LYS D 186 -11.32 2.46 -24.12
C LYS D 186 -10.68 1.11 -24.37
N THR D 187 -11.42 0.05 -24.10
CA THR D 187 -10.87 -1.30 -24.15
C THR D 187 -11.42 -2.15 -25.27
N HIS D 188 -10.58 -3.04 -25.78
CA HIS D 188 -11.02 -4.03 -26.75
C HIS D 188 -10.07 -5.22 -26.78
N MET D 189 -10.55 -6.32 -27.36
CA MET D 189 -9.75 -7.53 -27.49
C MET D 189 -9.48 -7.85 -28.95
N THR D 190 -8.31 -8.42 -29.24
CA THR D 190 -8.01 -8.92 -30.57
C THR D 190 -7.63 -10.40 -30.52
N HIS D 191 -7.82 -11.08 -31.64
CA HIS D 191 -7.58 -12.52 -31.78
C HIS D 191 -6.67 -12.75 -32.97
N HIS D 192 -5.58 -13.49 -32.77
CA HIS D 192 -4.68 -13.84 -33.87
C HIS D 192 -4.27 -15.31 -33.83
N ALA D 193 -4.33 -15.97 -34.98
CA ALA D 193 -3.97 -17.38 -35.07
C ALA D 193 -2.45 -17.56 -35.10
N VAL D 194 -1.92 -18.09 -33.99
CA VAL D 194 -0.49 -18.34 -33.85
C VAL D 194 -0.09 -19.58 -34.66
N SER D 195 -1.04 -20.51 -34.77
CA SER D 195 -0.83 -21.75 -35.51
C SER D 195 -2.17 -22.36 -35.87
N ASP D 196 -2.22 -23.68 -35.95
CA ASP D 196 -3.48 -24.37 -36.20
C ASP D 196 -4.17 -24.73 -34.88
N HIS D 197 -3.41 -24.71 -33.80
CA HIS D 197 -3.95 -25.08 -32.49
C HIS D 197 -3.68 -24.06 -31.40
N GLU D 198 -3.12 -22.91 -31.76
CA GLU D 198 -2.88 -21.83 -30.80
C GLU D 198 -3.29 -20.46 -31.33
N ALA D 199 -3.64 -19.56 -30.42
CA ALA D 199 -4.04 -18.20 -30.80
C ALA D 199 -3.66 -17.18 -29.73
N THR D 200 -3.40 -15.96 -30.16
CA THR D 200 -3.08 -14.87 -29.24
C THR D 200 -4.34 -14.05 -28.95
N LEU D 201 -4.70 -13.98 -27.68
CA LEU D 201 -5.73 -13.05 -27.22
C LEU D 201 -5.04 -11.85 -26.59
N ARG D 202 -5.23 -10.66 -27.16
CA ARG D 202 -4.61 -9.46 -26.62
C ARG D 202 -5.65 -8.47 -26.12
N CYS D 203 -5.47 -8.03 -24.88
CA CYS D 203 -6.43 -7.12 -24.25
C CYS D 203 -5.86 -5.71 -24.22
N TRP D 204 -6.59 -4.78 -24.83
CA TRP D 204 -6.13 -3.41 -25.07
C TRP D 204 -6.85 -2.38 -24.20
N ALA D 205 -6.07 -1.51 -23.59
CA ALA D 205 -6.61 -0.33 -22.91
C ALA D 205 -6.02 0.91 -23.57
N LEU D 206 -6.88 1.81 -24.04
CA LEU D 206 -6.41 2.97 -24.80
C LEU D 206 -6.91 4.30 -24.28
N SER D 207 -6.10 5.34 -24.50
CA SER D 207 -6.53 6.71 -24.27
C SER D 207 -6.99 6.98 -22.83
N PHE D 208 -6.30 6.42 -21.85
CA PHE D 208 -6.69 6.64 -20.46
C PHE D 208 -5.82 7.64 -19.72
N TYR D 209 -6.33 8.13 -18.60
CA TYR D 209 -5.58 9.04 -17.73
C TYR D 209 -6.19 9.03 -16.34
N PRO D 210 -5.36 8.93 -15.29
CA PRO D 210 -3.89 8.89 -15.29
C PRO D 210 -3.32 7.54 -15.74
N ALA D 211 -2.00 7.43 -15.64
CA ALA D 211 -1.26 6.24 -16.06
C ALA D 211 -1.61 4.94 -15.31
N GLU D 212 -1.96 5.05 -14.03
CA GLU D 212 -2.30 3.87 -13.23
C GLU D 212 -3.43 3.02 -13.81
N ILE D 213 -3.18 1.72 -13.93
CA ILE D 213 -4.14 0.77 -14.47
C ILE D 213 -3.71 -0.67 -14.17
N THR D 214 -4.67 -1.58 -14.08
CA THR D 214 -4.37 -3.00 -13.96
C THR D 214 -5.07 -3.80 -15.05
N LEU D 215 -4.31 -4.57 -15.80
CA LEU D 215 -4.84 -5.47 -16.81
C LEU D 215 -4.46 -6.89 -16.42
N THR D 216 -5.46 -7.74 -16.19
CA THR D 216 -5.18 -9.11 -15.80
C THR D 216 -5.99 -10.10 -16.60
N TRP D 217 -5.36 -11.20 -16.97
CA TRP D 217 -6.03 -12.28 -17.67
C TRP D 217 -6.32 -13.37 -16.66
N GLN D 218 -7.45 -14.03 -16.82
CA GLN D 218 -7.74 -15.20 -16.01
C GLN D 218 -8.34 -16.31 -16.87
N ARG D 219 -8.05 -17.54 -16.49
CA ARG D 219 -8.68 -18.69 -17.12
C ARG D 219 -9.52 -19.37 -16.03
N ASP D 220 -10.83 -19.38 -16.22
CA ASP D 220 -11.75 -19.90 -15.20
C ASP D 220 -11.65 -19.19 -13.84
N GLY D 221 -10.78 -18.19 -13.75
CA GLY D 221 -10.60 -17.46 -12.51
C GLY D 221 -9.16 -17.50 -12.02
N GLU D 222 -8.43 -18.54 -12.37
CA GLU D 222 -7.03 -18.65 -11.98
C GLU D 222 -6.15 -17.65 -12.75
N ASP D 223 -5.59 -16.69 -12.01
CA ASP D 223 -4.70 -15.70 -12.61
C ASP D 223 -3.67 -16.36 -13.52
N GLN D 224 -3.60 -15.90 -14.76
CA GLN D 224 -2.62 -16.40 -15.71
C GLN D 224 -1.43 -15.46 -15.78
N THR D 225 -1.16 -14.78 -14.67
CA THR D 225 -0.10 -13.78 -14.63
C THR D 225 1.24 -14.32 -15.11
N GLN D 226 1.52 -15.59 -14.80
CA GLN D 226 2.76 -16.22 -15.21
C GLN D 226 2.82 -16.44 -16.71
N ASP D 227 1.66 -16.56 -17.33
CA ASP D 227 1.58 -16.77 -18.77
C ASP D 227 1.15 -15.52 -19.54
N THR D 228 1.15 -14.39 -18.86
CA THR D 228 0.72 -13.14 -19.47
C THR D 228 1.89 -12.27 -19.88
N GLU D 229 1.99 -11.97 -21.17
CA GLU D 229 2.89 -10.93 -21.62
C GLU D 229 2.22 -9.58 -21.41
N LEU D 230 2.84 -8.74 -20.59
CA LEU D 230 2.29 -7.46 -20.20
C LEU D 230 3.31 -6.37 -20.54
N VAL D 231 2.92 -5.41 -21.37
CA VAL D 231 3.82 -4.31 -21.71
C VAL D 231 3.74 -3.18 -20.68
N GLU D 232 4.83 -2.43 -20.58
CA GLU D 232 4.83 -1.21 -19.78
C GLU D 232 3.80 -0.23 -20.30
N THR D 233 3.11 0.43 -19.38
CA THR D 233 2.24 1.53 -19.77
C THR D 233 3.06 2.57 -20.56
N ARG D 234 2.53 3.00 -21.69
CA ARG D 234 3.26 3.85 -22.61
C ARG D 234 2.45 5.08 -23.00
N PRO D 235 3.13 6.21 -23.24
CA PRO D 235 2.47 7.46 -23.64
C PRO D 235 2.02 7.43 -25.10
N ALA D 236 0.80 7.87 -25.36
CA ALA D 236 0.33 7.94 -26.74
C ALA D 236 0.88 9.19 -27.40
N GLY D 237 1.37 10.11 -26.57
CA GLY D 237 1.94 11.36 -27.04
C GLY D 237 0.99 12.54 -26.97
N ASP D 238 -0.29 12.27 -26.73
CA ASP D 238 -1.30 13.33 -26.57
C ASP D 238 -1.70 13.55 -25.10
N GLY D 239 -0.87 13.05 -24.18
CA GLY D 239 -1.20 13.15 -22.76
C GLY D 239 -1.99 11.97 -22.21
N THR D 240 -2.37 11.04 -23.08
CA THR D 240 -3.04 9.83 -22.61
C THR D 240 -2.07 8.63 -22.63
N PHE D 241 -2.52 7.50 -22.10
CA PHE D 241 -1.67 6.31 -21.99
C PHE D 241 -2.27 5.05 -22.62
N GLN D 242 -1.42 4.06 -22.82
CA GLN D 242 -1.81 2.80 -23.47
C GLN D 242 -1.19 1.65 -22.73
N LYS D 243 -1.90 0.53 -22.67
CA LYS D 243 -1.31 -0.71 -22.17
C LYS D 243 -2.03 -1.91 -22.80
N TRP D 244 -1.31 -3.02 -22.94
CA TRP D 244 -1.96 -4.26 -23.31
C TRP D 244 -1.40 -5.50 -22.64
N ALA D 245 -2.18 -6.57 -22.67
CA ALA D 245 -1.84 -7.83 -22.04
C ALA D 245 -2.28 -8.97 -22.96
N ALA D 246 -1.40 -9.93 -23.18
CA ALA D 246 -1.69 -11.00 -24.12
C ALA D 246 -1.40 -12.38 -23.54
N VAL D 247 -2.21 -13.37 -23.92
CA VAL D 247 -1.95 -14.76 -23.59
C VAL D 247 -2.03 -15.62 -24.84
N VAL D 248 -1.19 -16.64 -24.91
CA VAL D 248 -1.33 -17.68 -25.93
C VAL D 248 -2.28 -18.74 -25.39
N VAL D 249 -3.26 -19.12 -26.21
CA VAL D 249 -4.39 -19.92 -25.76
C VAL D 249 -4.65 -21.07 -26.73
N PRO D 250 -4.98 -22.25 -26.21
CA PRO D 250 -5.33 -23.33 -27.15
C PRO D 250 -6.57 -22.94 -27.95
N SER D 251 -6.50 -23.10 -29.28
CA SER D 251 -7.64 -22.80 -30.13
C SER D 251 -8.84 -23.65 -29.73
N GLY D 252 -9.97 -22.99 -29.50
CA GLY D 252 -11.15 -23.63 -28.97
C GLY D 252 -11.43 -23.29 -27.51
N GLN D 253 -10.45 -22.70 -26.83
CA GLN D 253 -10.58 -22.40 -25.40
C GLN D 253 -10.82 -20.93 -25.09
N GLU D 254 -11.06 -20.14 -26.13
CA GLU D 254 -11.22 -18.68 -26.00
C GLU D 254 -12.28 -18.29 -24.97
N GLN D 255 -13.32 -19.09 -24.85
CA GLN D 255 -14.44 -18.79 -23.95
C GLN D 255 -14.07 -18.95 -22.47
N ARG D 256 -12.96 -19.62 -22.20
CA ARG D 256 -12.47 -19.80 -20.83
C ARG D 256 -11.75 -18.56 -20.30
N TYR D 257 -11.41 -17.65 -21.21
CA TYR D 257 -10.55 -16.53 -20.86
C TYR D 257 -11.27 -15.18 -20.71
N THR D 258 -10.95 -14.48 -19.62
CA THR D 258 -11.45 -13.13 -19.41
C THR D 258 -10.31 -12.14 -19.12
N CYS D 259 -10.52 -10.90 -19.55
CA CYS D 259 -9.58 -9.83 -19.26
C CYS D 259 -10.21 -8.84 -18.31
N HIS D 260 -9.51 -8.56 -17.21
CA HIS D 260 -10.03 -7.71 -16.16
C HIS D 260 -9.26 -6.38 -16.12
N VAL D 261 -10.00 -5.28 -16.20
CA VAL D 261 -9.40 -3.95 -16.27
C VAL D 261 -9.87 -3.09 -15.10
N GLN D 262 -8.94 -2.67 -14.28
CA GLN D 262 -9.23 -1.73 -13.21
C GLN D 262 -8.57 -0.40 -13.52
N HIS D 263 -9.35 0.67 -13.46
CA HIS D 263 -8.82 2.02 -13.66
C HIS D 263 -9.67 3.02 -12.87
N GLU D 264 -9.05 4.14 -12.51
CA GLU D 264 -9.69 5.18 -11.72
C GLU D 264 -10.92 5.76 -12.39
N GLY D 265 -10.88 5.86 -13.72
CA GLY D 265 -11.95 6.46 -14.47
C GLY D 265 -13.15 5.56 -14.72
N LEU D 266 -13.06 4.31 -14.29
CA LEU D 266 -14.14 3.35 -14.47
C LEU D 266 -15.04 3.31 -13.24
N PRO D 267 -16.37 3.34 -13.46
CA PRO D 267 -17.29 3.20 -12.33
C PRO D 267 -17.19 1.80 -11.73
N LYS D 268 -16.95 0.81 -12.57
CA LYS D 268 -16.67 -0.55 -12.12
C LYS D 268 -15.58 -1.18 -12.96
N PRO D 269 -14.82 -2.09 -12.33
CA PRO D 269 -13.87 -2.94 -13.05
C PRO D 269 -14.54 -3.54 -14.28
N LEU D 270 -13.79 -3.66 -15.37
CA LEU D 270 -14.31 -4.26 -16.59
C LEU D 270 -13.84 -5.70 -16.73
N THR D 271 -14.76 -6.56 -17.17
CA THR D 271 -14.44 -7.95 -17.46
C THR D 271 -14.78 -8.23 -18.91
N LEU D 272 -13.75 -8.41 -19.73
CA LEU D 272 -13.96 -8.71 -21.14
C LEU D 272 -13.89 -10.22 -21.40
N ARG D 273 -14.87 -10.71 -22.15
CA ARG D 273 -14.85 -12.10 -22.56
CA ARG D 273 -14.91 -12.10 -22.58
C ARG D 273 -14.75 -12.15 -24.08
N TRP D 274 -14.24 -13.25 -24.62
CA TRP D 274 -14.26 -13.37 -26.07
C TRP D 274 -15.53 -14.10 -26.51
N GLU D 275 -16.48 -13.33 -27.01
CA GLU D 275 -17.74 -13.85 -27.50
C GLU D 275 -18.66 -12.67 -27.86
N MET E 1 30.06 0.02 -13.42
CA MET E 1 28.98 0.97 -13.34
C MET E 1 27.67 0.36 -13.86
N ILE E 2 26.54 0.85 -13.33
CA ILE E 2 25.22 0.33 -13.67
C ILE E 2 24.86 0.56 -15.13
N GLN E 3 24.34 -0.48 -15.77
CA GLN E 3 23.80 -0.37 -17.12
C GLN E 3 22.49 -1.14 -17.22
N ARG E 4 21.46 -0.48 -17.75
CA ARG E 4 20.16 -1.12 -17.96
C ARG E 4 19.73 -1.07 -19.42
N THR E 5 19.23 -2.19 -19.92
CA THR E 5 18.90 -2.37 -21.33
C THR E 5 17.56 -1.74 -21.65
N PRO E 6 17.51 -0.91 -22.70
CA PRO E 6 16.24 -0.28 -23.06
C PRO E 6 15.20 -1.32 -23.48
N LYS E 7 14.00 -1.23 -22.92
CA LYS E 7 12.83 -1.87 -23.50
C LYS E 7 12.31 -1.00 -24.63
N ILE E 8 11.77 -1.62 -25.68
CA ILE E 8 11.40 -0.89 -26.87
C ILE E 8 9.99 -1.25 -27.26
N GLN E 9 9.18 -0.25 -27.56
CA GLN E 9 7.84 -0.47 -28.12
C GLN E 9 7.61 0.49 -29.28
N VAL E 10 7.09 -0.04 -30.37
CA VAL E 10 6.73 0.74 -31.55
C VAL E 10 5.23 0.60 -31.78
N TYR E 11 4.56 1.71 -32.07
CA TYR E 11 3.11 1.74 -32.06
C TYR E 11 2.56 3.10 -32.51
N SER E 12 1.31 3.11 -32.95
CA SER E 12 0.69 4.35 -33.41
C SER E 12 -0.12 4.98 -32.27
N ARG E 13 -0.19 6.30 -32.26
CA ARG E 13 -0.93 7.00 -31.22
C ARG E 13 -2.41 6.60 -31.26
N HIS E 14 -2.97 6.54 -32.45
CA HIS E 14 -4.36 6.14 -32.65
C HIS E 14 -4.37 4.80 -33.37
N PRO E 15 -5.44 4.01 -33.21
CA PRO E 15 -5.62 2.77 -33.96
C PRO E 15 -5.36 3.02 -35.44
N ALA E 16 -4.53 2.19 -36.07
CA ALA E 16 -4.11 2.46 -37.45
C ALA E 16 -5.23 2.25 -38.46
N GLU E 17 -5.33 3.20 -39.40
CA GLU E 17 -6.28 3.13 -40.50
C GLU E 17 -5.58 3.68 -41.72
N ASN E 18 -5.54 2.89 -42.79
CA ASN E 18 -4.86 3.30 -44.01
C ASN E 18 -5.38 4.62 -44.54
N GLY E 19 -4.47 5.51 -44.91
CA GLY E 19 -4.86 6.79 -45.50
C GLY E 19 -5.39 7.80 -44.50
N LYS E 20 -5.14 7.58 -43.23
CA LYS E 20 -5.54 8.53 -42.20
C LYS E 20 -4.36 8.92 -41.30
N SER E 21 -4.18 10.23 -41.16
CA SER E 21 -3.07 10.81 -40.39
C SER E 21 -2.99 10.23 -38.99
N ASN E 22 -1.79 10.22 -38.45
CA ASN E 22 -1.51 9.52 -37.19
C ASN E 22 -0.12 9.88 -36.72
N PHE E 23 0.31 9.25 -35.64
CA PHE E 23 1.65 9.43 -35.16
C PHE E 23 2.32 8.08 -34.95
N LEU E 24 3.53 7.94 -35.45
CA LEU E 24 4.32 6.75 -35.20
C LEU E 24 5.17 6.96 -33.96
N ASN E 25 5.06 6.03 -33.01
CA ASN E 25 5.78 6.15 -31.75
C ASN E 25 6.82 5.06 -31.55
N CYS E 26 7.97 5.45 -31.00
CA CYS E 26 8.89 4.48 -30.43
C CYS E 26 9.19 4.88 -29.01
N TYR E 27 8.70 4.07 -28.07
CA TYR E 27 8.89 4.35 -26.66
C TYR E 27 10.00 3.44 -26.11
N VAL E 28 11.09 4.05 -25.65
CA VAL E 28 12.18 3.30 -25.03
C VAL E 28 12.28 3.65 -23.56
N SER E 29 12.30 2.62 -22.71
CA SER E 29 12.30 2.82 -21.28
C SER E 29 13.23 1.88 -20.51
N GLY E 30 13.45 2.19 -19.24
CA GLY E 30 14.25 1.35 -18.37
C GLY E 30 15.73 1.26 -18.73
N PHE E 31 16.26 2.27 -19.42
CA PHE E 31 17.67 2.20 -19.81
C PHE E 31 18.60 3.07 -18.94
N HIS E 32 19.89 2.79 -19.04
CA HIS E 32 20.90 3.53 -18.28
C HIS E 32 22.25 3.08 -18.79
N PRO E 33 23.16 4.03 -19.07
CA PRO E 33 22.99 5.49 -18.94
C PRO E 33 22.06 6.08 -20.02
N SER E 34 21.96 7.40 -20.07
CA SER E 34 20.96 8.06 -20.92
C SER E 34 21.34 8.15 -22.40
N ASP E 35 22.64 8.04 -22.69
CA ASP E 35 23.13 8.04 -24.06
CA ASP E 35 23.11 8.05 -24.08
C ASP E 35 22.46 6.94 -24.88
N ILE E 36 21.64 7.35 -25.85
CA ILE E 36 20.92 6.39 -26.67
C ILE E 36 20.63 6.93 -28.07
N GLU E 37 20.81 6.11 -29.08
CA GLU E 37 20.43 6.46 -30.43
C GLU E 37 19.12 5.78 -30.78
N VAL E 38 18.17 6.56 -31.28
CA VAL E 38 16.86 6.03 -31.68
C VAL E 38 16.45 6.61 -33.03
N ASP E 39 16.13 5.74 -33.96
CA ASP E 39 15.69 6.14 -35.28
C ASP E 39 14.41 5.44 -35.69
N LEU E 40 13.53 6.18 -36.37
CA LEU E 40 12.35 5.56 -36.93
C LEU E 40 12.62 5.36 -38.42
N LEU E 41 12.32 4.15 -38.90
CA LEU E 41 12.59 3.81 -40.28
C LEU E 41 11.31 3.64 -41.05
N LYS E 42 11.29 4.18 -42.27
CA LYS E 42 10.20 3.93 -43.21
C LYS E 42 10.78 3.16 -44.38
N ASN E 43 10.37 1.91 -44.52
CA ASN E 43 10.97 1.03 -45.50
C ASN E 43 12.49 1.06 -45.37
N GLY E 44 12.97 0.83 -44.16
CA GLY E 44 14.38 0.67 -43.90
C GLY E 44 15.24 1.91 -43.94
N GLU E 45 14.63 3.07 -44.21
CA GLU E 45 15.41 4.31 -44.29
C GLU E 45 14.99 5.31 -43.21
N ARG E 46 15.98 5.92 -42.57
CA ARG E 46 15.75 6.84 -41.47
C ARG E 46 14.84 8.02 -41.83
N ILE E 47 13.91 8.34 -40.94
CA ILE E 47 13.01 9.48 -41.12
C ILE E 47 13.61 10.76 -40.54
N GLU E 48 13.71 11.80 -41.38
CA GLU E 48 14.35 13.05 -40.98
C GLU E 48 13.56 13.81 -39.91
N LYS E 49 12.24 13.88 -40.09
CA LYS E 49 11.40 14.71 -39.22
C LYS E 49 10.91 13.98 -37.99
N VAL E 50 11.82 13.72 -37.05
CA VAL E 50 11.48 13.02 -35.81
C VAL E 50 11.84 13.83 -34.58
N GLU E 51 10.89 13.89 -33.65
CA GLU E 51 11.12 14.56 -32.39
C GLU E 51 11.11 13.55 -31.25
N HIS E 52 11.44 14.01 -30.06
CA HIS E 52 11.43 13.15 -28.89
C HIS E 52 11.06 13.94 -27.66
N SER E 53 10.53 13.26 -26.66
CA SER E 53 10.17 13.89 -25.41
C SER E 53 11.43 14.35 -24.66
N ASP E 54 11.22 15.05 -23.56
CA ASP E 54 12.35 15.49 -22.73
C ASP E 54 12.74 14.37 -21.79
N LEU E 55 14.04 14.11 -21.70
CA LEU E 55 14.57 13.04 -20.86
C LEU E 55 14.02 13.05 -19.44
N SER E 56 13.41 11.93 -19.04
CA SER E 56 12.87 11.79 -17.70
C SER E 56 13.23 10.39 -17.20
N PHE E 57 12.94 10.07 -15.94
CA PHE E 57 13.29 8.77 -15.41
C PHE E 57 12.28 8.21 -14.41
N SER E 58 12.38 6.92 -14.13
CA SER E 58 11.43 6.24 -13.25
C SER E 58 11.90 6.13 -11.80
N LYS E 59 11.10 5.43 -11.01
CA LYS E 59 11.39 5.23 -9.61
C LYS E 59 12.71 4.51 -9.39
N ASP E 60 13.07 3.62 -10.31
CA ASP E 60 14.33 2.88 -10.21
C ASP E 60 15.51 3.63 -10.83
N TRP E 61 15.27 4.91 -11.14
CA TRP E 61 16.27 5.79 -11.78
C TRP E 61 16.54 5.55 -13.27
N SER E 62 15.91 4.53 -13.85
CA SER E 62 16.10 4.25 -15.28
C SER E 62 15.36 5.26 -16.17
N PHE E 63 15.96 5.57 -17.32
CA PHE E 63 15.48 6.63 -18.20
C PHE E 63 14.37 6.17 -19.16
N TYR E 64 13.54 7.12 -19.60
CA TYR E 64 12.58 6.84 -20.65
C TYR E 64 12.43 8.02 -21.61
N LEU E 65 12.24 7.72 -22.88
CA LEU E 65 12.07 8.71 -23.92
C LEU E 65 10.99 8.22 -24.89
N LEU E 66 10.19 9.15 -25.39
CA LEU E 66 9.30 8.88 -26.50
C LEU E 66 9.81 9.56 -27.77
N TYR E 67 10.04 8.75 -28.81
CA TYR E 67 10.35 9.29 -30.12
C TYR E 67 9.11 9.19 -31.00
N TYR E 68 8.83 10.23 -31.78
CA TYR E 68 7.59 10.23 -32.56
C TYR E 68 7.69 11.06 -33.82
N THR E 69 6.83 10.73 -34.77
CA THR E 69 6.72 11.46 -36.01
C THR E 69 5.30 11.33 -36.56
N GLU E 70 4.86 12.37 -37.26
CA GLU E 70 3.58 12.32 -37.95
C GLU E 70 3.69 11.36 -39.11
N PHE E 71 2.65 10.56 -39.35
CA PHE E 71 2.64 9.68 -40.51
C PHE E 71 1.24 9.19 -40.87
N THR E 72 1.11 8.71 -42.11
CA THR E 72 -0.12 8.09 -42.59
C THR E 72 0.17 6.66 -43.03
N PRO E 73 -0.43 5.68 -42.33
CA PRO E 73 -0.23 4.27 -42.65
C PRO E 73 -0.76 3.91 -44.03
N THR E 74 0.04 3.22 -44.82
CA THR E 74 -0.46 2.65 -46.06
C THR E 74 -0.32 1.14 -45.96
N GLU E 75 -1.11 0.42 -46.73
CA GLU E 75 -1.14 -1.05 -46.64
C GLU E 75 0.24 -1.68 -46.85
N LYS E 76 1.10 -1.02 -47.62
CA LYS E 76 2.37 -1.63 -48.00
C LYS E 76 3.62 -0.97 -47.43
N ASP E 77 3.48 0.20 -46.83
CA ASP E 77 4.61 0.85 -46.17
C ASP E 77 4.97 0.14 -44.86
N GLU E 78 6.27 -0.08 -44.64
CA GLU E 78 6.72 -0.72 -43.43
C GLU E 78 7.51 0.23 -42.54
N TYR E 79 7.22 0.19 -41.25
CA TYR E 79 7.89 1.04 -40.28
C TYR E 79 8.59 0.24 -39.20
N ALA E 80 9.72 0.75 -38.74
CA ALA E 80 10.47 0.11 -37.69
C ALA E 80 11.11 1.15 -36.80
N CYS E 81 11.58 0.69 -35.65
CA CYS E 81 12.36 1.53 -34.76
C CYS E 81 13.72 0.89 -34.54
N ARG E 82 14.78 1.65 -34.82
CA ARG E 82 16.15 1.19 -34.61
C ARG E 82 16.76 1.87 -33.39
N VAL E 83 17.21 1.07 -32.44
CA VAL E 83 17.70 1.59 -31.17
C VAL E 83 19.09 1.08 -30.86
N ASN E 84 19.99 2.01 -30.57
CA ASN E 84 21.32 1.65 -30.11
C ASN E 84 21.61 2.17 -28.71
N HIS E 85 22.30 1.33 -27.94
CA HIS E 85 22.63 1.61 -26.56
C HIS E 85 23.87 0.78 -26.22
N VAL E 86 24.59 1.18 -25.18
CA VAL E 86 25.81 0.47 -24.78
C VAL E 86 25.51 -0.97 -24.36
N THR E 87 24.31 -1.22 -23.83
CA THR E 87 23.96 -2.56 -23.38
C THR E 87 23.65 -3.50 -24.53
N LEU E 88 23.57 -2.96 -25.74
CA LEU E 88 23.31 -3.78 -26.93
C LEU E 88 24.61 -4.02 -27.67
N SER E 89 24.85 -5.27 -28.02
CA SER E 89 26.05 -5.61 -28.78
C SER E 89 25.95 -5.04 -30.19
N GLN E 90 24.72 -5.04 -30.71
CA GLN E 90 24.44 -4.46 -32.02
C GLN E 90 23.14 -3.68 -31.93
N PRO E 91 22.93 -2.73 -32.85
CA PRO E 91 21.69 -1.96 -32.76
C PRO E 91 20.49 -2.87 -32.94
N LYS E 92 19.41 -2.59 -32.22
CA LYS E 92 18.21 -3.40 -32.31
C LYS E 92 17.09 -2.77 -33.17
N ILE E 93 16.50 -3.60 -34.03
CA ILE E 93 15.42 -3.18 -34.91
C ILE E 93 14.11 -3.84 -34.46
N VAL E 94 13.09 -3.03 -34.20
CA VAL E 94 11.75 -3.57 -33.91
C VAL E 94 10.74 -3.07 -34.95
N LYS E 95 10.08 -3.99 -35.64
CA LYS E 95 9.10 -3.62 -36.63
C LYS E 95 7.81 -3.16 -35.98
N TRP E 96 7.15 -2.18 -36.60
CA TRP E 96 5.79 -1.85 -36.24
C TRP E 96 4.84 -2.96 -36.67
N ASP E 97 4.18 -3.59 -35.70
CA ASP E 97 3.13 -4.53 -36.00
C ASP E 97 1.80 -3.82 -35.90
N ARG E 98 1.31 -3.34 -37.04
CA ARG E 98 0.13 -2.49 -37.09
C ARG E 98 -1.12 -3.26 -36.72
N ASP E 99 -1.01 -4.59 -36.67
CA ASP E 99 -2.09 -5.40 -36.13
C ASP E 99 -2.04 -5.33 -34.61
N MET E 100 -2.09 -6.50 -33.99
CA MET E 100 -2.05 -6.64 -32.54
C MET E 100 -3.34 -6.19 -31.88
N LYS F 1 6.76 25.17 -9.02
CA LYS F 1 7.96 26.00 -8.91
C LYS F 1 9.14 25.28 -8.27
N LEU F 2 10.33 25.47 -8.85
CA LEU F 2 11.58 24.93 -8.31
C LEU F 2 12.00 25.58 -7.00
N THR F 3 12.78 24.84 -6.21
CA THR F 3 13.37 25.42 -5.01
C THR F 3 14.40 26.48 -5.39
N PRO F 4 14.43 27.60 -4.65
CA PRO F 4 15.37 28.69 -4.88
C PRO F 4 16.75 28.45 -4.25
N LEU F 5 16.86 27.42 -3.41
CA LEU F 5 18.11 27.13 -2.71
C LEU F 5 19.25 26.70 -3.64
N CYS F 6 20.41 26.47 -3.04
CA CYS F 6 21.59 25.95 -3.74
C CYS F 6 22.31 24.90 -2.89
N VAL F 7 21.70 23.72 -2.78
CA VAL F 7 22.32 22.63 -2.02
C VAL F 7 23.32 21.91 -2.92
N THR F 8 24.42 21.45 -2.34
CA THR F 8 25.47 20.80 -3.12
C THR F 8 26.10 19.59 -2.41
N LEU F 9 26.35 18.54 -3.19
CA LEU F 9 26.90 17.28 -2.68
C LEU F 9 28.26 17.42 -1.98
C1 GOL G . -6.52 -5.49 14.08
O1 GOL G . -5.62 -5.90 15.09
C2 GOL G . -7.05 -6.70 13.34
O2 GOL G . -5.96 -7.41 12.80
C3 GOL G . -7.94 -6.28 12.18
O3 GOL G . -7.55 -7.04 11.06
O1 MES H . -4.69 -8.26 18.75
C2 MES H . -3.83 -8.02 17.63
C3 MES H . -4.24 -8.68 16.31
N4 MES H . -5.12 -9.81 16.58
C5 MES H . -6.28 -9.65 17.45
C6 MES H . -6.07 -8.49 18.43
C7 MES H . -4.86 -11.11 15.96
C8 MES H . -5.64 -11.17 14.64
S MES H . -5.43 -12.57 13.73
O1S MES H . -6.51 -12.00 12.90
O2S MES H . -5.75 -13.33 14.98
O3S MES H . -4.03 -12.16 13.45
O1 MES I . 1.21 -10.41 -38.51
C2 MES I . -0.02 -9.77 -38.20
C3 MES I . -0.02 -9.18 -36.78
N4 MES I . 0.45 -10.21 -35.86
C5 MES I . 1.66 -10.95 -36.16
C6 MES I . 2.18 -10.35 -37.47
C7 MES I . -0.32 -10.50 -34.66
C8 MES I . 0.63 -10.26 -33.48
S MES I . 0.47 -11.48 -32.35
O1S MES I . -0.90 -10.95 -32.13
O2S MES I . 1.60 -10.86 -31.60
O3S MES I . 0.78 -12.39 -33.50
O1 MES J . 10.13 1.26 -12.68
C2 MES J . 10.19 1.49 -14.09
C3 MES J . 9.42 0.41 -14.84
N4 MES J . 8.04 0.64 -14.49
C5 MES J . 7.73 1.29 -13.22
C6 MES J . 8.83 0.84 -12.25
C7 MES J . 6.96 0.22 -15.41
C8 MES J . 5.64 0.26 -14.64
S MES J . 4.33 0.49 -15.66
O1S MES J . 4.60 1.93 -15.38
O2S MES J . 3.52 -0.29 -14.68
O3S MES J . 5.05 -0.23 -16.72
C1 GOL K . -2.74 0.61 -32.19
O1 GOL K . -3.58 -0.34 -32.81
C2 GOL K . -3.25 0.82 -30.78
O2 GOL K . -4.53 1.42 -30.83
C3 GOL K . -2.27 1.68 -29.99
O3 GOL K . -1.02 1.73 -30.63
C1 GOL L . 5.24 9.77 -14.25
O1 GOL L . 4.44 10.17 -15.36
C2 GOL L . 4.88 10.66 -13.08
O2 GOL L . 5.00 12.00 -13.50
C3 GOL L . 5.85 10.47 -11.94
O3 GOL L . 6.07 11.76 -11.39
C1 GOL M . -7.80 12.35 -27.21
O1 GOL M . -8.97 11.55 -27.21
C2 GOL M . -7.62 13.01 -25.85
O2 GOL M . -8.76 13.78 -25.55
C3 GOL M . -6.37 13.89 -25.86
O3 GOL M . -6.45 14.88 -24.84
O1 MES N . 4.75 6.39 -18.13
C2 MES N . 3.72 6.30 -17.15
C3 MES N . 4.25 5.54 -15.93
N4 MES N . 5.46 6.22 -15.46
C5 MES N . 6.40 6.93 -16.35
C6 MES N . 5.78 7.28 -17.71
C7 MES N . 5.73 6.16 -14.03
C8 MES N . 7.00 5.34 -13.82
S MES N . 7.25 5.08 -12.18
O1S MES N . 8.36 4.18 -12.59
O2S MES N . 5.85 4.55 -12.16
O3S MES N . 7.49 6.54 -12.06
C1 GOL O . 10.08 8.50 -8.10
O1 GOL O . 8.96 9.08 -8.74
C2 GOL O . 11.35 8.83 -8.89
O2 GOL O . 11.06 8.70 -10.27
C3 GOL O . 12.49 7.90 -8.49
O3 GOL O . 13.46 8.59 -7.70
C1 GOL P . 14.71 -5.59 -26.64
C1 GOL P . 8.49 -4.87 -25.38
O1 GOL P . 13.73 -4.68 -26.21
O1 GOL P . 7.81 -4.93 -24.14
C2 GOL P . 16.06 -5.18 -26.07
C2 GOL P . 9.86 -5.51 -25.20
O2 GOL P . 16.26 -3.80 -26.31
O2 GOL P . 10.45 -4.94 -24.06
C3 GOL P . 17.17 -5.97 -26.75
C3 GOL P . 10.74 -5.23 -26.41
O3 GOL P . 17.13 -7.29 -26.29
O3 GOL P . 12.03 -4.92 -25.97
#